data_1MWG
# 
_entry.id   1MWG 
# 
_audit_conform.dict_name       mmcif_pdbx.dic 
_audit_conform.dict_version    5.392 
_audit_conform.dict_location   http://mmcif.pdb.org/dictionaries/ascii/mmcif_pdbx.dic 
# 
loop_
_database_2.database_id 
_database_2.database_code 
_database_2.pdbx_database_accession 
_database_2.pdbx_DOI 
PDB   1MWG         pdb_00001mwg 10.2210/pdb1mwg/pdb 
WWPDB D_1000175181 ?            ?                   
# 
loop_
_pdbx_audit_revision_history.ordinal 
_pdbx_audit_revision_history.data_content_type 
_pdbx_audit_revision_history.major_revision 
_pdbx_audit_revision_history.minor_revision 
_pdbx_audit_revision_history.revision_date 
1 'Structure model' 1 0 1997-03-12 
2 'Structure model' 1 1 2008-03-24 
3 'Structure model' 1 2 2011-07-13 
4 'Structure model' 1 3 2022-02-23 
5 'Structure model' 1 4 2024-05-22 
# 
_pdbx_audit_revision_details.ordinal             1 
_pdbx_audit_revision_details.revision_ordinal    1 
_pdbx_audit_revision_details.data_content_type   'Structure model' 
_pdbx_audit_revision_details.provider            repository 
_pdbx_audit_revision_details.type                'Initial release' 
_pdbx_audit_revision_details.description         ? 
_pdbx_audit_revision_details.details             ? 
# 
loop_
_pdbx_audit_revision_group.ordinal 
_pdbx_audit_revision_group.revision_ordinal 
_pdbx_audit_revision_group.data_content_type 
_pdbx_audit_revision_group.group 
1 2 'Structure model' 'Version format compliance' 
2 3 'Structure model' 'Version format compliance' 
3 4 'Structure model' 'Database references'       
4 4 'Structure model' 'Derived calculations'      
5 4 'Structure model' Other                       
6 5 'Structure model' 'Data collection'           
# 
loop_
_pdbx_audit_revision_category.ordinal 
_pdbx_audit_revision_category.revision_ordinal 
_pdbx_audit_revision_category.data_content_type 
_pdbx_audit_revision_category.category 
1 4 'Structure model' database_2            
2 4 'Structure model' pdbx_database_status  
3 4 'Structure model' pdbx_struct_assembly  
4 4 'Structure model' pdbx_struct_oper_list 
5 5 'Structure model' chem_comp_atom        
6 5 'Structure model' chem_comp_bond        
# 
loop_
_pdbx_audit_revision_item.ordinal 
_pdbx_audit_revision_item.revision_ordinal 
_pdbx_audit_revision_item.data_content_type 
_pdbx_audit_revision_item.item 
1 4 'Structure model' '_database_2.pdbx_DOI'                
2 4 'Structure model' '_database_2.pdbx_database_accession' 
3 4 'Structure model' '_pdbx_database_status.process_site'  
# 
_pdbx_database_status.status_code                     REL 
_pdbx_database_status.entry_id                        1MWG 
_pdbx_database_status.recvd_initial_deposition_date   1996-12-13 
_pdbx_database_status.deposit_site                    ? 
_pdbx_database_status.process_site                    BNL 
_pdbx_database_status.SG_entry                        . 
_pdbx_database_status.pdb_format_compatible           Y 
_pdbx_database_status.status_code_mr                  ? 
_pdbx_database_status.status_code_sf                  ? 
_pdbx_database_status.status_code_cs                  ? 
_pdbx_database_status.status_code_nmr_data            ? 
_pdbx_database_status.methods_development_category    ? 
# 
loop_
_audit_author.name 
_audit_author.pdbx_ordinal 
'Wu, M.'         1 
'Santalucia, J.' 2 
'Turner, D.H.'   3 
# 
_citation.id                        primary 
_citation.title                     
'Solution structure of (rGCGGACGC)2 by two-dimensional NMR and the iterative relaxation matrix approach.' 
_citation.journal_abbrev            Biochemistry 
_citation.journal_volume            35 
_citation.page_first                9677 
_citation.page_last                 9689 
_citation.year                      1996 
_citation.journal_id_ASTM           BICHAW 
_citation.country                   US 
_citation.journal_id_ISSN           0006-2960 
_citation.journal_id_CSD            0033 
_citation.book_publisher            ? 
_citation.pdbx_database_id_PubMed   8703939 
_citation.pdbx_database_id_DOI      10.1021/bi960133q 
# 
loop_
_citation_author.citation_id 
_citation_author.name 
_citation_author.ordinal 
_citation_author.identifier_ORCID 
primary 'Wu, M.'       1 ? 
primary 'Turner, D.H.' 2 ? 
# 
_entity.id                         1 
_entity.type                       polymer 
_entity.src_method                 syn 
_entity.pdbx_description           
;RNA (5'-R(*GP*GP*CP*AP*GP*GP*CP*C)-3')
;
_entity.formula_weight             2580.617 
_entity.pdbx_number_of_molecules   2 
_entity.pdbx_ec                    ? 
_entity.pdbx_mutation              ? 
_entity.pdbx_fragment              ? 
_entity.details                    'ANTI-PARALLEL RNA DUPLEX, TANDEM G\:A MISMATCH' 
# 
_entity_poly.entity_id                      1 
_entity_poly.type                           polyribonucleotide 
_entity_poly.nstd_linkage                   no 
_entity_poly.nstd_monomer                   no 
_entity_poly.pdbx_seq_one_letter_code       GGCAGGCC 
_entity_poly.pdbx_seq_one_letter_code_can   GGCAGGCC 
_entity_poly.pdbx_strand_id                 A,B 
_entity_poly.pdbx_target_identifier         ? 
# 
loop_
_entity_poly_seq.entity_id 
_entity_poly_seq.num 
_entity_poly_seq.mon_id 
_entity_poly_seq.hetero 
1 1 G n 
1 2 G n 
1 3 C n 
1 4 A n 
1 5 G n 
1 6 G n 
1 7 C n 
1 8 C n 
# 
loop_
_chem_comp.id 
_chem_comp.type 
_chem_comp.mon_nstd_flag 
_chem_comp.name 
_chem_comp.pdbx_synonyms 
_chem_comp.formula 
_chem_comp.formula_weight 
A 'RNA linking' y "ADENOSINE-5'-MONOPHOSPHATE" ? 'C10 H14 N5 O7 P' 347.221 
C 'RNA linking' y "CYTIDINE-5'-MONOPHOSPHATE"  ? 'C9 H14 N3 O8 P'  323.197 
G 'RNA linking' y "GUANOSINE-5'-MONOPHOSPHATE" ? 'C10 H14 N5 O8 P' 363.221 
# 
loop_
_pdbx_poly_seq_scheme.asym_id 
_pdbx_poly_seq_scheme.entity_id 
_pdbx_poly_seq_scheme.seq_id 
_pdbx_poly_seq_scheme.mon_id 
_pdbx_poly_seq_scheme.ndb_seq_num 
_pdbx_poly_seq_scheme.pdb_seq_num 
_pdbx_poly_seq_scheme.auth_seq_num 
_pdbx_poly_seq_scheme.pdb_mon_id 
_pdbx_poly_seq_scheme.auth_mon_id 
_pdbx_poly_seq_scheme.pdb_strand_id 
_pdbx_poly_seq_scheme.pdb_ins_code 
_pdbx_poly_seq_scheme.hetero 
A 1 1 G 1 1  1  G G A . n 
A 1 2 G 2 2  2  G G A . n 
A 1 3 C 3 3  3  C C A . n 
A 1 4 A 4 4  4  A A A . n 
A 1 5 G 5 5  5  G G A . n 
A 1 6 G 6 6  6  G G A . n 
A 1 7 C 7 7  7  C C A . n 
A 1 8 C 8 8  8  C C A . n 
B 1 1 G 1 9  9  G G B . n 
B 1 2 G 2 10 10 G G B . n 
B 1 3 C 3 11 11 C C B . n 
B 1 4 A 4 12 12 A A B . n 
B 1 5 G 5 13 13 G G B . n 
B 1 6 G 6 14 14 G G B . n 
B 1 7 C 7 15 15 C C B . n 
B 1 8 C 8 16 16 C C B . n 
# 
_software.name             AMBER 
_software.classification   refinement 
_software.version          . 
_software.citation_id      ? 
_software.pdbx_ordinal     1 
# 
_cell.entry_id           1MWG 
_cell.length_a           1.000 
_cell.length_b           1.000 
_cell.length_c           1.000 
_cell.angle_alpha        90.00 
_cell.angle_beta         90.00 
_cell.angle_gamma        90.00 
_cell.Z_PDB              1 
_cell.pdbx_unique_axis   ? 
# 
_symmetry.entry_id                         1MWG 
_symmetry.space_group_name_H-M             'P 1' 
_symmetry.pdbx_full_space_group_name_H-M   ? 
_symmetry.cell_setting                     ? 
_symmetry.Int_Tables_number                1 
# 
_exptl.entry_id          1MWG 
_exptl.method            'SOLUTION NMR' 
_exptl.crystals_number   ? 
# 
_struct.entry_id                  1MWG 
_struct.title                     'STRUCTURE OF RIBONUCLEIC ACID, NMR, MINIMIZED AVERAGE STRUCTURE' 
_struct.pdbx_model_details        ? 
_struct.pdbx_CASP_flag            ? 
_struct.pdbx_model_type_details   ? 
# 
_struct_keywords.entry_id        1MWG 
_struct_keywords.pdbx_keywords   RNA 
_struct_keywords.text            'RIBONUCLEIC ACID, DUPLEX, G:A MISMATCH, RNA' 
# 
loop_
_struct_asym.id 
_struct_asym.pdbx_blank_PDB_chainid_flag 
_struct_asym.pdbx_modified 
_struct_asym.entity_id 
_struct_asym.details 
A N N 1 ? 
B N N 1 ? 
# 
_struct_ref.id                         1 
_struct_ref.entity_id                  1 
_struct_ref.db_name                    PDB 
_struct_ref.db_code                    1MWG 
_struct_ref.pdbx_db_accession          1MWG 
_struct_ref.pdbx_db_isoform            ? 
_struct_ref.pdbx_seq_one_letter_code   ? 
_struct_ref.pdbx_align_begin           ? 
# 
loop_
_struct_ref_seq.align_id 
_struct_ref_seq.ref_id 
_struct_ref_seq.pdbx_PDB_id_code 
_struct_ref_seq.pdbx_strand_id 
_struct_ref_seq.seq_align_beg 
_struct_ref_seq.pdbx_seq_align_beg_ins_code 
_struct_ref_seq.seq_align_end 
_struct_ref_seq.pdbx_seq_align_end_ins_code 
_struct_ref_seq.pdbx_db_accession 
_struct_ref_seq.db_align_beg 
_struct_ref_seq.pdbx_db_align_beg_ins_code 
_struct_ref_seq.db_align_end 
_struct_ref_seq.pdbx_db_align_end_ins_code 
_struct_ref_seq.pdbx_auth_seq_align_beg 
_struct_ref_seq.pdbx_auth_seq_align_end 
1 1 1MWG A 1 ? 8 ? 1MWG 1 ? 8  ? 1 8  
2 1 1MWG B 1 ? 8 ? 1MWG 9 ? 16 ? 9 16 
# 
_pdbx_struct_assembly.id                   1 
_pdbx_struct_assembly.details              author_defined_assembly 
_pdbx_struct_assembly.method_details       ? 
_pdbx_struct_assembly.oligomeric_details   dimeric 
_pdbx_struct_assembly.oligomeric_count     2 
# 
_pdbx_struct_assembly_gen.assembly_id       1 
_pdbx_struct_assembly_gen.oper_expression   1 
_pdbx_struct_assembly_gen.asym_id_list      A,B 
# 
_pdbx_struct_oper_list.id                   1 
_pdbx_struct_oper_list.type                 'identity operation' 
_pdbx_struct_oper_list.name                 1_555 
_pdbx_struct_oper_list.symmetry_operation   x,y,z 
_pdbx_struct_oper_list.matrix[1][1]         1.0000000000 
_pdbx_struct_oper_list.matrix[1][2]         0.0000000000 
_pdbx_struct_oper_list.matrix[1][3]         0.0000000000 
_pdbx_struct_oper_list.vector[1]            0.0000000000 
_pdbx_struct_oper_list.matrix[2][1]         0.0000000000 
_pdbx_struct_oper_list.matrix[2][2]         1.0000000000 
_pdbx_struct_oper_list.matrix[2][3]         0.0000000000 
_pdbx_struct_oper_list.vector[2]            0.0000000000 
_pdbx_struct_oper_list.matrix[3][1]         0.0000000000 
_pdbx_struct_oper_list.matrix[3][2]         0.0000000000 
_pdbx_struct_oper_list.matrix[3][3]         1.0000000000 
_pdbx_struct_oper_list.vector[3]            0.0000000000 
# 
_struct_biol.id   1 
# 
loop_
_struct_conn.id 
_struct_conn.conn_type_id 
_struct_conn.pdbx_leaving_atom_flag 
_struct_conn.pdbx_PDB_id 
_struct_conn.ptnr1_label_asym_id 
_struct_conn.ptnr1_label_comp_id 
_struct_conn.ptnr1_label_seq_id 
_struct_conn.ptnr1_label_atom_id 
_struct_conn.pdbx_ptnr1_label_alt_id 
_struct_conn.pdbx_ptnr1_PDB_ins_code 
_struct_conn.pdbx_ptnr1_standard_comp_id 
_struct_conn.ptnr1_symmetry 
_struct_conn.ptnr2_label_asym_id 
_struct_conn.ptnr2_label_comp_id 
_struct_conn.ptnr2_label_seq_id 
_struct_conn.ptnr2_label_atom_id 
_struct_conn.pdbx_ptnr2_label_alt_id 
_struct_conn.pdbx_ptnr2_PDB_ins_code 
_struct_conn.ptnr1_auth_asym_id 
_struct_conn.ptnr1_auth_comp_id 
_struct_conn.ptnr1_auth_seq_id 
_struct_conn.ptnr2_auth_asym_id 
_struct_conn.ptnr2_auth_comp_id 
_struct_conn.ptnr2_auth_seq_id 
_struct_conn.ptnr2_symmetry 
_struct_conn.pdbx_ptnr3_label_atom_id 
_struct_conn.pdbx_ptnr3_label_seq_id 
_struct_conn.pdbx_ptnr3_label_comp_id 
_struct_conn.pdbx_ptnr3_label_asym_id 
_struct_conn.pdbx_ptnr3_label_alt_id 
_struct_conn.pdbx_ptnr3_PDB_ins_code 
_struct_conn.details 
_struct_conn.pdbx_dist_value 
_struct_conn.pdbx_value_order 
_struct_conn.pdbx_role 
hydrog1  hydrog ? ? A G 1 N1 ? ? ? 1_555 B C 8 N3 ? ? A G 1 B C 16 1_555 ? ? ? ? ? ? WATSON-CRICK ? ? ? 
hydrog2  hydrog ? ? A G 1 N2 ? ? ? 1_555 B C 8 O2 ? ? A G 1 B C 16 1_555 ? ? ? ? ? ? WATSON-CRICK ? ? ? 
hydrog3  hydrog ? ? A G 1 O6 ? ? ? 1_555 B C 8 N4 ? ? A G 1 B C 16 1_555 ? ? ? ? ? ? WATSON-CRICK ? ? ? 
hydrog4  hydrog ? ? A G 2 N1 ? ? ? 1_555 B C 7 N3 ? ? A G 2 B C 15 1_555 ? ? ? ? ? ? WATSON-CRICK ? ? ? 
hydrog5  hydrog ? ? A G 2 N2 ? ? ? 1_555 B C 7 O2 ? ? A G 2 B C 15 1_555 ? ? ? ? ? ? WATSON-CRICK ? ? ? 
hydrog6  hydrog ? ? A G 2 O6 ? ? ? 1_555 B C 7 N4 ? ? A G 2 B C 15 1_555 ? ? ? ? ? ? WATSON-CRICK ? ? ? 
hydrog7  hydrog ? ? A C 3 N3 ? ? ? 1_555 B G 6 N1 ? ? A C 3 B G 14 1_555 ? ? ? ? ? ? WATSON-CRICK ? ? ? 
hydrog8  hydrog ? ? A C 3 N4 ? ? ? 1_555 B G 6 O6 ? ? A C 3 B G 14 1_555 ? ? ? ? ? ? WATSON-CRICK ? ? ? 
hydrog9  hydrog ? ? A C 3 O2 ? ? ? 1_555 B G 6 N2 ? ? A C 3 B G 14 1_555 ? ? ? ? ? ? WATSON-CRICK ? ? ? 
hydrog10 hydrog ? ? A A 4 N1 ? ? ? 1_555 B G 5 N1 ? ? A A 4 B G 13 1_555 ? ? ? ? ? ? TYPE_8_PAIR  ? ? ? 
hydrog11 hydrog ? ? A A 4 N6 ? ? ? 1_555 B G 5 O6 ? ? A A 4 B G 13 1_555 ? ? ? ? ? ? TYPE_8_PAIR  ? ? ? 
hydrog12 hydrog ? ? A G 5 N1 ? ? ? 1_555 B A 4 N1 ? ? A G 5 B A 12 1_555 ? ? ? ? ? ? TYPE_8_PAIR  ? ? ? 
hydrog13 hydrog ? ? A G 5 O6 ? ? ? 1_555 B A 4 N6 ? ? A G 5 B A 12 1_555 ? ? ? ? ? ? TYPE_8_PAIR  ? ? ? 
hydrog14 hydrog ? ? A G 6 N1 ? ? ? 1_555 B C 3 N3 ? ? A G 6 B C 11 1_555 ? ? ? ? ? ? WATSON-CRICK ? ? ? 
hydrog15 hydrog ? ? A G 6 N2 ? ? ? 1_555 B C 3 O2 ? ? A G 6 B C 11 1_555 ? ? ? ? ? ? WATSON-CRICK ? ? ? 
hydrog16 hydrog ? ? A G 6 O6 ? ? ? 1_555 B C 3 N4 ? ? A G 6 B C 11 1_555 ? ? ? ? ? ? WATSON-CRICK ? ? ? 
hydrog17 hydrog ? ? A C 7 N3 ? ? ? 1_555 B G 2 N1 ? ? A C 7 B G 10 1_555 ? ? ? ? ? ? WATSON-CRICK ? ? ? 
hydrog18 hydrog ? ? A C 7 N4 ? ? ? 1_555 B G 2 O6 ? ? A C 7 B G 10 1_555 ? ? ? ? ? ? WATSON-CRICK ? ? ? 
hydrog19 hydrog ? ? A C 7 O2 ? ? ? 1_555 B G 2 N2 ? ? A C 7 B G 10 1_555 ? ? ? ? ? ? WATSON-CRICK ? ? ? 
hydrog20 hydrog ? ? A C 8 N3 ? ? ? 1_555 B G 1 N1 ? ? A C 8 B G 9  1_555 ? ? ? ? ? ? WATSON-CRICK ? ? ? 
hydrog21 hydrog ? ? A C 8 N4 ? ? ? 1_555 B G 1 O6 ? ? A C 8 B G 9  1_555 ? ? ? ? ? ? WATSON-CRICK ? ? ? 
hydrog22 hydrog ? ? A C 8 O2 ? ? ? 1_555 B G 1 N2 ? ? A C 8 B G 9  1_555 ? ? ? ? ? ? WATSON-CRICK ? ? ? 
# 
_struct_conn_type.id          hydrog 
_struct_conn_type.criteria    ? 
_struct_conn_type.reference   ? 
# 
loop_
_pdbx_validate_close_contact.id 
_pdbx_validate_close_contact.PDB_model_num 
_pdbx_validate_close_contact.auth_atom_id_1 
_pdbx_validate_close_contact.auth_asym_id_1 
_pdbx_validate_close_contact.auth_comp_id_1 
_pdbx_validate_close_contact.auth_seq_id_1 
_pdbx_validate_close_contact.PDB_ins_code_1 
_pdbx_validate_close_contact.label_alt_id_1 
_pdbx_validate_close_contact.auth_atom_id_2 
_pdbx_validate_close_contact.auth_asym_id_2 
_pdbx_validate_close_contact.auth_comp_id_2 
_pdbx_validate_close_contact.auth_seq_id_2 
_pdbx_validate_close_contact.PDB_ins_code_2 
_pdbx_validate_close_contact.label_alt_id_2 
_pdbx_validate_close_contact.dist 
1 1 "HO2'" B G 9 ? ? "H5'" B G 10 ? ? 1.23 
2 1 "HO2'" A A 4 ? ? "H5'" A G 5  ? ? 1.28 
# 
loop_
_pdbx_validate_rmsd_bond.id 
_pdbx_validate_rmsd_bond.PDB_model_num 
_pdbx_validate_rmsd_bond.auth_atom_id_1 
_pdbx_validate_rmsd_bond.auth_asym_id_1 
_pdbx_validate_rmsd_bond.auth_comp_id_1 
_pdbx_validate_rmsd_bond.auth_seq_id_1 
_pdbx_validate_rmsd_bond.PDB_ins_code_1 
_pdbx_validate_rmsd_bond.label_alt_id_1 
_pdbx_validate_rmsd_bond.auth_atom_id_2 
_pdbx_validate_rmsd_bond.auth_asym_id_2 
_pdbx_validate_rmsd_bond.auth_comp_id_2 
_pdbx_validate_rmsd_bond.auth_seq_id_2 
_pdbx_validate_rmsd_bond.PDB_ins_code_2 
_pdbx_validate_rmsd_bond.label_alt_id_2 
_pdbx_validate_rmsd_bond.bond_value 
_pdbx_validate_rmsd_bond.bond_target_value 
_pdbx_validate_rmsd_bond.bond_deviation 
_pdbx_validate_rmsd_bond.bond_standard_deviation 
_pdbx_validate_rmsd_bond.linker_flag 
1 1 "C2'" A A 4  ? ? "C1'" A A 4  ? ? 1.470 1.526 -0.056 0.008 N 
2 1 C8    A A 4  ? ? N9    A A 4  ? ? 1.319 1.373 -0.054 0.008 N 
3 1 "C2'" B A 12 ? ? "C1'" B A 12 ? ? 1.471 1.526 -0.055 0.008 N 
4 1 C8    B A 12 ? ? N9    B A 12 ? ? 1.320 1.373 -0.053 0.008 N 
# 
loop_
_pdbx_validate_rmsd_angle.id 
_pdbx_validate_rmsd_angle.PDB_model_num 
_pdbx_validate_rmsd_angle.auth_atom_id_1 
_pdbx_validate_rmsd_angle.auth_asym_id_1 
_pdbx_validate_rmsd_angle.auth_comp_id_1 
_pdbx_validate_rmsd_angle.auth_seq_id_1 
_pdbx_validate_rmsd_angle.PDB_ins_code_1 
_pdbx_validate_rmsd_angle.label_alt_id_1 
_pdbx_validate_rmsd_angle.auth_atom_id_2 
_pdbx_validate_rmsd_angle.auth_asym_id_2 
_pdbx_validate_rmsd_angle.auth_comp_id_2 
_pdbx_validate_rmsd_angle.auth_seq_id_2 
_pdbx_validate_rmsd_angle.PDB_ins_code_2 
_pdbx_validate_rmsd_angle.label_alt_id_2 
_pdbx_validate_rmsd_angle.auth_atom_id_3 
_pdbx_validate_rmsd_angle.auth_asym_id_3 
_pdbx_validate_rmsd_angle.auth_comp_id_3 
_pdbx_validate_rmsd_angle.auth_seq_id_3 
_pdbx_validate_rmsd_angle.PDB_ins_code_3 
_pdbx_validate_rmsd_angle.label_alt_id_3 
_pdbx_validate_rmsd_angle.angle_value 
_pdbx_validate_rmsd_angle.angle_target_value 
_pdbx_validate_rmsd_angle.angle_deviation 
_pdbx_validate_rmsd_angle.angle_standard_deviation 
_pdbx_validate_rmsd_angle.linker_flag 
1  1 "O5'" A A 4  ? ? "C5'" A A 4  ? ? "C4'" A A 4  ? ? 102.69 109.40 -6.71 0.80 N 
2  1 "C5'" A A 4  ? ? "C4'" A A 4  ? ? "O4'" A A 4  ? ? 117.43 109.80 7.63  0.90 N 
3  1 "C3'" A A 4  ? ? "C2'" A A 4  ? ? "C1'" A A 4  ? ? 107.63 101.50 6.13  0.80 N 
4  1 "C5'" A G 5  ? ? "C4'" A G 5  ? ? "O4'" A G 5  ? ? 117.14 109.80 7.34  0.90 N 
5  1 "C5'" A C 7  ? ? "C4'" A C 7  ? ? "O4'" A C 7  ? ? 117.44 109.80 7.64  0.90 N 
6  1 N1    A C 8  ? ? "C1'" A C 8  ? ? "C2'" A C 8  ? ? 104.22 112.00 -7.78 1.10 N 
7  1 "O4'" A C 8  ? ? "C1'" A C 8  ? ? N1    A C 8  ? ? 113.27 108.50 4.77  0.70 N 
8  1 "C5'" B C 11 ? ? "C4'" B C 11 ? ? "O4'" B C 11 ? ? 115.45 109.80 5.65  0.90 N 
9  1 "C4'" B C 11 ? ? "C3'" B C 11 ? ? "C2'" B C 11 ? ? 96.23  102.60 -6.37 1.00 N 
10 1 "O5'" B A 12 ? ? "C5'" B A 12 ? ? "C4'" B A 12 ? ? 102.86 109.40 -6.54 0.80 N 
11 1 "C5'" B A 12 ? ? "C4'" B A 12 ? ? "O4'" B A 12 ? ? 117.14 109.80 7.34  0.90 N 
12 1 "C3'" B A 12 ? ? "C2'" B A 12 ? ? "C1'" B A 12 ? ? 107.28 101.50 5.78  0.80 N 
13 1 "C5'" B G 13 ? ? "C4'" B G 13 ? ? "O4'" B G 13 ? ? 117.40 109.80 7.60  0.90 N 
14 1 "C5'" B C 15 ? ? "C4'" B C 15 ? ? "O4'" B C 15 ? ? 117.97 109.80 8.17  0.90 N 
15 1 N1    B C 16 ? ? "C1'" B C 16 ? ? "C2'" B C 16 ? ? 103.16 112.00 -8.84 1.10 N 
# 
_pdbx_nmr_ensemble.entry_id                             1MWG 
_pdbx_nmr_ensemble.conformers_calculated_total_number   ? 
_pdbx_nmr_ensemble.conformers_submitted_total_number    1 
_pdbx_nmr_ensemble.conformer_selection_criteria         ? 
# 
_pdbx_nmr_software.classification   refinement 
_pdbx_nmr_software.name             'DISCOVER, AMBER FORCE FIELD' 
_pdbx_nmr_software.version          FIELD 
_pdbx_nmr_software.authors          'BIOSYM TECHNOLOGIES, INC.' 
_pdbx_nmr_software.ordinal          1 
# 
loop_
_chem_comp_atom.comp_id 
_chem_comp_atom.atom_id 
_chem_comp_atom.type_symbol 
_chem_comp_atom.pdbx_aromatic_flag 
_chem_comp_atom.pdbx_stereo_config 
_chem_comp_atom.pdbx_ordinal 
A OP3    O N N 1   
A P      P N N 2   
A OP1    O N N 3   
A OP2    O N N 4   
A "O5'"  O N N 5   
A "C5'"  C N N 6   
A "C4'"  C N R 7   
A "O4'"  O N N 8   
A "C3'"  C N S 9   
A "O3'"  O N N 10  
A "C2'"  C N R 11  
A "O2'"  O N N 12  
A "C1'"  C N R 13  
A N9     N Y N 14  
A C8     C Y N 15  
A N7     N Y N 16  
A C5     C Y N 17  
A C6     C Y N 18  
A N6     N N N 19  
A N1     N Y N 20  
A C2     C Y N 21  
A N3     N Y N 22  
A C4     C Y N 23  
A HOP3   H N N 24  
A HOP2   H N N 25  
A "H5'"  H N N 26  
A "H5''" H N N 27  
A "H4'"  H N N 28  
A "H3'"  H N N 29  
A "HO3'" H N N 30  
A "H2'"  H N N 31  
A "HO2'" H N N 32  
A "H1'"  H N N 33  
A H8     H N N 34  
A H61    H N N 35  
A H62    H N N 36  
A H2     H N N 37  
C OP3    O N N 38  
C P      P N N 39  
C OP1    O N N 40  
C OP2    O N N 41  
C "O5'"  O N N 42  
C "C5'"  C N N 43  
C "C4'"  C N R 44  
C "O4'"  O N N 45  
C "C3'"  C N S 46  
C "O3'"  O N N 47  
C "C2'"  C N R 48  
C "O2'"  O N N 49  
C "C1'"  C N R 50  
C N1     N N N 51  
C C2     C N N 52  
C O2     O N N 53  
C N3     N N N 54  
C C4     C N N 55  
C N4     N N N 56  
C C5     C N N 57  
C C6     C N N 58  
C HOP3   H N N 59  
C HOP2   H N N 60  
C "H5'"  H N N 61  
C "H5''" H N N 62  
C "H4'"  H N N 63  
C "H3'"  H N N 64  
C "HO3'" H N N 65  
C "H2'"  H N N 66  
C "HO2'" H N N 67  
C "H1'"  H N N 68  
C H41    H N N 69  
C H42    H N N 70  
C H5     H N N 71  
C H6     H N N 72  
G OP3    O N N 73  
G P      P N N 74  
G OP1    O N N 75  
G OP2    O N N 76  
G "O5'"  O N N 77  
G "C5'"  C N N 78  
G "C4'"  C N R 79  
G "O4'"  O N N 80  
G "C3'"  C N S 81  
G "O3'"  O N N 82  
G "C2'"  C N R 83  
G "O2'"  O N N 84  
G "C1'"  C N R 85  
G N9     N Y N 86  
G C8     C Y N 87  
G N7     N Y N 88  
G C5     C Y N 89  
G C6     C N N 90  
G O6     O N N 91  
G N1     N N N 92  
G C2     C N N 93  
G N2     N N N 94  
G N3     N N N 95  
G C4     C Y N 96  
G HOP3   H N N 97  
G HOP2   H N N 98  
G "H5'"  H N N 99  
G "H5''" H N N 100 
G "H4'"  H N N 101 
G "H3'"  H N N 102 
G "HO3'" H N N 103 
G "H2'"  H N N 104 
G "HO2'" H N N 105 
G "H1'"  H N N 106 
G H8     H N N 107 
G H1     H N N 108 
G H21    H N N 109 
G H22    H N N 110 
# 
loop_
_chem_comp_bond.comp_id 
_chem_comp_bond.atom_id_1 
_chem_comp_bond.atom_id_2 
_chem_comp_bond.value_order 
_chem_comp_bond.pdbx_aromatic_flag 
_chem_comp_bond.pdbx_stereo_config 
_chem_comp_bond.pdbx_ordinal 
A OP3   P      sing N N 1   
A OP3   HOP3   sing N N 2   
A P     OP1    doub N N 3   
A P     OP2    sing N N 4   
A P     "O5'"  sing N N 5   
A OP2   HOP2   sing N N 6   
A "O5'" "C5'"  sing N N 7   
A "C5'" "C4'"  sing N N 8   
A "C5'" "H5'"  sing N N 9   
A "C5'" "H5''" sing N N 10  
A "C4'" "O4'"  sing N N 11  
A "C4'" "C3'"  sing N N 12  
A "C4'" "H4'"  sing N N 13  
A "O4'" "C1'"  sing N N 14  
A "C3'" "O3'"  sing N N 15  
A "C3'" "C2'"  sing N N 16  
A "C3'" "H3'"  sing N N 17  
A "O3'" "HO3'" sing N N 18  
A "C2'" "O2'"  sing N N 19  
A "C2'" "C1'"  sing N N 20  
A "C2'" "H2'"  sing N N 21  
A "O2'" "HO2'" sing N N 22  
A "C1'" N9     sing N N 23  
A "C1'" "H1'"  sing N N 24  
A N9    C8     sing Y N 25  
A N9    C4     sing Y N 26  
A C8    N7     doub Y N 27  
A C8    H8     sing N N 28  
A N7    C5     sing Y N 29  
A C5    C6     sing Y N 30  
A C5    C4     doub Y N 31  
A C6    N6     sing N N 32  
A C6    N1     doub Y N 33  
A N6    H61    sing N N 34  
A N6    H62    sing N N 35  
A N1    C2     sing Y N 36  
A C2    N3     doub Y N 37  
A C2    H2     sing N N 38  
A N3    C4     sing Y N 39  
C OP3   P      sing N N 40  
C OP3   HOP3   sing N N 41  
C P     OP1    doub N N 42  
C P     OP2    sing N N 43  
C P     "O5'"  sing N N 44  
C OP2   HOP2   sing N N 45  
C "O5'" "C5'"  sing N N 46  
C "C5'" "C4'"  sing N N 47  
C "C5'" "H5'"  sing N N 48  
C "C5'" "H5''" sing N N 49  
C "C4'" "O4'"  sing N N 50  
C "C4'" "C3'"  sing N N 51  
C "C4'" "H4'"  sing N N 52  
C "O4'" "C1'"  sing N N 53  
C "C3'" "O3'"  sing N N 54  
C "C3'" "C2'"  sing N N 55  
C "C3'" "H3'"  sing N N 56  
C "O3'" "HO3'" sing N N 57  
C "C2'" "O2'"  sing N N 58  
C "C2'" "C1'"  sing N N 59  
C "C2'" "H2'"  sing N N 60  
C "O2'" "HO2'" sing N N 61  
C "C1'" N1     sing N N 62  
C "C1'" "H1'"  sing N N 63  
C N1    C2     sing N N 64  
C N1    C6     sing N N 65  
C C2    O2     doub N N 66  
C C2    N3     sing N N 67  
C N3    C4     doub N N 68  
C C4    N4     sing N N 69  
C C4    C5     sing N N 70  
C N4    H41    sing N N 71  
C N4    H42    sing N N 72  
C C5    C6     doub N N 73  
C C5    H5     sing N N 74  
C C6    H6     sing N N 75  
G OP3   P      sing N N 76  
G OP3   HOP3   sing N N 77  
G P     OP1    doub N N 78  
G P     OP2    sing N N 79  
G P     "O5'"  sing N N 80  
G OP2   HOP2   sing N N 81  
G "O5'" "C5'"  sing N N 82  
G "C5'" "C4'"  sing N N 83  
G "C5'" "H5'"  sing N N 84  
G "C5'" "H5''" sing N N 85  
G "C4'" "O4'"  sing N N 86  
G "C4'" "C3'"  sing N N 87  
G "C4'" "H4'"  sing N N 88  
G "O4'" "C1'"  sing N N 89  
G "C3'" "O3'"  sing N N 90  
G "C3'" "C2'"  sing N N 91  
G "C3'" "H3'"  sing N N 92  
G "O3'" "HO3'" sing N N 93  
G "C2'" "O2'"  sing N N 94  
G "C2'" "C1'"  sing N N 95  
G "C2'" "H2'"  sing N N 96  
G "O2'" "HO2'" sing N N 97  
G "C1'" N9     sing N N 98  
G "C1'" "H1'"  sing N N 99  
G N9    C8     sing Y N 100 
G N9    C4     sing Y N 101 
G C8    N7     doub Y N 102 
G C8    H8     sing N N 103 
G N7    C5     sing Y N 104 
G C5    C6     sing N N 105 
G C5    C4     doub Y N 106 
G C6    O6     doub N N 107 
G C6    N1     sing N N 108 
G N1    C2     sing N N 109 
G N1    H1     sing N N 110 
G C2    N2     sing N N 111 
G C2    N3     doub N N 112 
G N2    H21    sing N N 113 
G N2    H22    sing N N 114 
G N3    C4     sing N N 115 
# 
loop_
_ndb_struct_conf_na.entry_id 
_ndb_struct_conf_na.feature 
1MWG 'double helix'         
1MWG 'a-form double helix'  
1MWG 'mismatched base pair' 
# 
loop_
_ndb_struct_na_base_pair.model_number 
_ndb_struct_na_base_pair.i_label_asym_id 
_ndb_struct_na_base_pair.i_label_comp_id 
_ndb_struct_na_base_pair.i_label_seq_id 
_ndb_struct_na_base_pair.i_symmetry 
_ndb_struct_na_base_pair.j_label_asym_id 
_ndb_struct_na_base_pair.j_label_comp_id 
_ndb_struct_na_base_pair.j_label_seq_id 
_ndb_struct_na_base_pair.j_symmetry 
_ndb_struct_na_base_pair.shear 
_ndb_struct_na_base_pair.stretch 
_ndb_struct_na_base_pair.stagger 
_ndb_struct_na_base_pair.buckle 
_ndb_struct_na_base_pair.propeller 
_ndb_struct_na_base_pair.opening 
_ndb_struct_na_base_pair.pair_number 
_ndb_struct_na_base_pair.pair_name 
_ndb_struct_na_base_pair.i_auth_asym_id 
_ndb_struct_na_base_pair.i_auth_seq_id 
_ndb_struct_na_base_pair.i_PDB_ins_code 
_ndb_struct_na_base_pair.j_auth_asym_id 
_ndb_struct_na_base_pair.j_auth_seq_id 
_ndb_struct_na_base_pair.j_PDB_ins_code 
_ndb_struct_na_base_pair.hbond_type_28 
_ndb_struct_na_base_pair.hbond_type_12 
1 A G 1 1_555 B C 8 1_555 0.574  -0.026 -0.022 -2.436 -17.695 -1.377  1 A_G1:C16_B A 1 ? B 16 ? 19 1 
1 A G 2 1_555 B C 7 1_555 -0.088 -0.020 0.444  -6.996 -5.779  -1.327  2 A_G2:C15_B A 2 ? B 15 ? 19 1 
1 A C 3 1_555 B G 6 1_555 -0.112 -0.051 0.492  -2.655 -12.678 -4.963  3 A_C3:G14_B A 3 ? B 14 ? 19 1 
1 A A 4 1_555 B G 5 1_555 0.175  1.682  0.036  6.817  -6.293  -14.372 4 A_A4:G13_B A 4 ? B 13 ? 8  ? 
1 A G 5 1_555 B A 4 1_555 0.001  1.684  0.044  -7.638 -6.401  -14.808 5 A_G5:A12_B A 5 ? B 12 ? 8  ? 
1 A G 6 1_555 B C 3 1_555 0.121  -0.059 0.513  2.275  -12.962 -5.212  6 A_G6:C11_B A 6 ? B 11 ? 19 1 
1 A C 7 1_555 B G 2 1_555 0.089  -0.027 0.472  6.734  -5.558  -1.447  7 A_C7:G10_B A 7 ? B 10 ? 19 1 
1 A C 8 1_555 B G 1 1_555 -0.577 -0.032 -0.009 2.952  -18.045 -1.603  8 A_C8:G9_B  A 8 ? B 9  ? 19 1 
# 
loop_
_ndb_struct_na_base_pair_step.model_number 
_ndb_struct_na_base_pair_step.i_label_asym_id_1 
_ndb_struct_na_base_pair_step.i_label_comp_id_1 
_ndb_struct_na_base_pair_step.i_label_seq_id_1 
_ndb_struct_na_base_pair_step.i_symmetry_1 
_ndb_struct_na_base_pair_step.j_label_asym_id_1 
_ndb_struct_na_base_pair_step.j_label_comp_id_1 
_ndb_struct_na_base_pair_step.j_label_seq_id_1 
_ndb_struct_na_base_pair_step.j_symmetry_1 
_ndb_struct_na_base_pair_step.i_label_asym_id_2 
_ndb_struct_na_base_pair_step.i_label_comp_id_2 
_ndb_struct_na_base_pair_step.i_label_seq_id_2 
_ndb_struct_na_base_pair_step.i_symmetry_2 
_ndb_struct_na_base_pair_step.j_label_asym_id_2 
_ndb_struct_na_base_pair_step.j_label_comp_id_2 
_ndb_struct_na_base_pair_step.j_label_seq_id_2 
_ndb_struct_na_base_pair_step.j_symmetry_2 
_ndb_struct_na_base_pair_step.shift 
_ndb_struct_na_base_pair_step.slide 
_ndb_struct_na_base_pair_step.rise 
_ndb_struct_na_base_pair_step.tilt 
_ndb_struct_na_base_pair_step.roll 
_ndb_struct_na_base_pair_step.twist 
_ndb_struct_na_base_pair_step.x_displacement 
_ndb_struct_na_base_pair_step.y_displacement 
_ndb_struct_na_base_pair_step.helical_rise 
_ndb_struct_na_base_pair_step.inclination 
_ndb_struct_na_base_pair_step.tip 
_ndb_struct_na_base_pair_step.helical_twist 
_ndb_struct_na_base_pair_step.step_number 
_ndb_struct_na_base_pair_step.step_name 
_ndb_struct_na_base_pair_step.i_auth_asym_id_1 
_ndb_struct_na_base_pair_step.i_auth_seq_id_1 
_ndb_struct_na_base_pair_step.i_PDB_ins_code_1 
_ndb_struct_na_base_pair_step.j_auth_asym_id_1 
_ndb_struct_na_base_pair_step.j_auth_seq_id_1 
_ndb_struct_na_base_pair_step.j_PDB_ins_code_1 
_ndb_struct_na_base_pair_step.i_auth_asym_id_2 
_ndb_struct_na_base_pair_step.i_auth_seq_id_2 
_ndb_struct_na_base_pair_step.i_PDB_ins_code_2 
_ndb_struct_na_base_pair_step.j_auth_asym_id_2 
_ndb_struct_na_base_pair_step.j_auth_seq_id_2 
_ndb_struct_na_base_pair_step.j_PDB_ins_code_2 
1 A G 1 1_555 B C 8 1_555 A G 2 1_555 B C 7 1_555 -0.107 -1.944 2.948 -1.600 6.825  27.587 -5.257 -0.087 2.409 14.028 3.289  
28.447 1 AA_G1G2:C15C16_BB A 1 ? B 16 ? A 2 ? B 15 ? 
1 A G 2 1_555 B C 7 1_555 A C 3 1_555 B G 6 1_555 -0.305 -1.625 2.978 1.502  5.421  35.501 -3.310 0.682  2.694 8.821  -2.444 
35.929 2 AA_G2C3:G14C15_BB A 2 ? B 15 ? A 3 ? B 14 ? 
1 A C 3 1_555 B G 6 1_555 A A 4 1_555 B G 5 1_555 -0.196 -1.594 2.748 3.217  6.076  32.589 -3.587 0.768  2.390 10.679 -5.654 
33.287 3 AA_C3A4:G13G14_BB A 3 ? B 14 ? A 4 ? B 13 ? 
1 A A 4 1_555 B G 5 1_555 A G 5 1_555 B A 4 1_555 -0.015 -2.722 3.188 0.181  10.602 25.683 -7.756 0.067  1.932 22.659 -0.387 
27.752 4 AA_A4G5:A12G13_BB A 4 ? B 13 ? A 5 ? B 12 ? 
1 A G 5 1_555 B A 4 1_555 A G 6 1_555 B C 3 1_555 0.210  -1.577 2.731 -2.986 6.266  31.952 -3.657 -0.781 2.358 11.218 5.346  
32.678 5 AA_G5G6:C11A12_BB A 5 ? B 12 ? A 6 ? B 11 ? 
1 A G 6 1_555 B C 3 1_555 A C 7 1_555 B G 2 1_555 0.313  -1.616 2.979 -1.573 5.327  35.379 -3.298 -0.707 2.700 8.699  2.569  
35.798 6 AA_G6C7:G10C11_BB A 6 ? B 11 ? A 7 ? B 10 ? 
1 A C 7 1_555 B G 2 1_555 A C 8 1_555 B G 1 1_555 0.108  -1.937 2.931 1.694  6.670  27.530 -5.228 0.103  2.406 13.745 -3.492 
28.361 7 AA_C7C8:G9G10_BB  A 7 ? B 10 ? A 8 ? B 9  ? 
# 
_atom_sites.entry_id                    1MWG 
_atom_sites.fract_transf_matrix[1][1]   1.000000 
_atom_sites.fract_transf_matrix[1][2]   0.000000 
_atom_sites.fract_transf_matrix[1][3]   0.000000 
_atom_sites.fract_transf_matrix[2][1]   0.000000 
_atom_sites.fract_transf_matrix[2][2]   1.000000 
_atom_sites.fract_transf_matrix[2][3]   0.000000 
_atom_sites.fract_transf_matrix[3][1]   0.000000 
_atom_sites.fract_transf_matrix[3][2]   0.000000 
_atom_sites.fract_transf_matrix[3][3]   1.000000 
_atom_sites.fract_transf_vector[1]      0.00000 
_atom_sites.fract_transf_vector[2]      0.00000 
_atom_sites.fract_transf_vector[3]      0.00000 
# 
loop_
_atom_type.symbol 
C 
H 
N 
O 
P 
# 
loop_
_atom_site.group_PDB 
_atom_site.id 
_atom_site.type_symbol 
_atom_site.label_atom_id 
_atom_site.label_alt_id 
_atom_site.label_comp_id 
_atom_site.label_asym_id 
_atom_site.label_entity_id 
_atom_site.label_seq_id 
_atom_site.pdbx_PDB_ins_code 
_atom_site.Cartn_x 
_atom_site.Cartn_y 
_atom_site.Cartn_z 
_atom_site.occupancy 
_atom_site.B_iso_or_equiv 
_atom_site.pdbx_formal_charge 
_atom_site.auth_seq_id 
_atom_site.auth_comp_id 
_atom_site.auth_asym_id 
_atom_site.auth_atom_id 
_atom_site.pdbx_PDB_model_num 
ATOM 1   O "O5'"  . G A 1 1 ? 10.843  -7.657  2.599   1.00 0.00 ? 1  G A "O5'"  1 
ATOM 2   C "C5'"  . G A 1 1 ? 10.701  -8.771  3.408   1.00 0.00 ? 1  G A "C5'"  1 
ATOM 3   C "C4'"  . G A 1 1 ? 9.705   -8.537  4.553   1.00 0.00 ? 1  G A "C4'"  1 
ATOM 4   O "O4'"  . G A 1 1 ? 10.078  -7.475  5.419   1.00 0.00 ? 1  G A "O4'"  1 
ATOM 5   C "C3'"  . G A 1 1 ? 8.239   -8.238  4.239   1.00 0.00 ? 1  G A "C3'"  1 
ATOM 6   O "O3'"  . G A 1 1 ? 7.561   -9.301  3.569   1.00 0.00 ? 1  G A "O3'"  1 
ATOM 7   C "C2'"  . G A 1 1 ? 7.767   -8.020  5.660   1.00 0.00 ? 1  G A "C2'"  1 
ATOM 8   O "O2'"  . G A 1 1 ? 7.812   -9.277  6.327   1.00 0.00 ? 1  G A "O2'"  1 
ATOM 9   C "C1'"  . G A 1 1 ? 8.899   -7.122  6.166   1.00 0.00 ? 1  G A "C1'"  1 
ATOM 10  N N9     . G A 1 1 ? 8.537   -5.710  5.888   1.00 0.00 ? 1  G A N9     1 
ATOM 11  C C8     . G A 1 1 ? 8.901   -4.921  4.836   1.00 0.00 ? 1  G A C8     1 
ATOM 12  N N7     . G A 1 1 ? 8.409   -3.712  4.870   1.00 0.00 ? 1  G A N7     1 
ATOM 13  C C5     . G A 1 1 ? 7.654   -3.697  6.038   1.00 0.00 ? 1  G A C5     1 
ATOM 14  C C6     . G A 1 1 ? 6.862   -2.647  6.619   1.00 0.00 ? 1  G A C6     1 
ATOM 15  O O6     . G A 1 1 ? 6.685   -1.507  6.197   1.00 0.00 ? 1  G A O6     1 
ATOM 16  N N1     . G A 1 1 ? 6.232   -3.054  7.804   1.00 0.00 ? 1  G A N1     1 
ATOM 17  C C2     . G A 1 1 ? 6.352   -4.319  8.370   1.00 0.00 ? 1  G A C2     1 
ATOM 18  N N2     . G A 1 1 ? 5.673   -4.547  9.502   1.00 0.00 ? 1  G A N2     1 
ATOM 19  N N3     . G A 1 1 ? 7.102   -5.299  7.827   1.00 0.00 ? 1  G A N3     1 
ATOM 20  C C4     . G A 1 1 ? 7.722   -4.923  6.667   1.00 0.00 ? 1  G A C4     1 
ATOM 21  H "H5'"  . G A 1 1 ? 11.641  -9.069  3.872   1.00 0.00 ? 1  G A "H5'"  1 
ATOM 22  H "H5''" . G A 1 1 ? 10.340  -9.639  2.857   1.00 0.00 ? 1  G A "H5''" 1 
ATOM 23  H "H4'"  . G A 1 1 ? 9.577   -9.403  5.203   1.00 0.00 ? 1  G A "H4'"  1 
ATOM 24  H "H3'"  . G A 1 1 ? 8.120   -7.368  3.593   1.00 0.00 ? 1  G A "H3'"  1 
ATOM 25  H "H2'"  . G A 1 1 ? 6.797   -7.527  5.721   1.00 0.00 ? 1  G A "H2'"  1 
ATOM 26  H "HO2'" . G A 1 1 ? 7.355   -9.195  7.246   1.00 0.00 ? 1  G A "HO2'" 1 
ATOM 27  H "H1'"  . G A 1 1 ? 9.124   -7.304  7.217   1.00 0.00 ? 1  G A "H1'"  1 
ATOM 28  H H8     . G A 1 1 ? 9.548   -5.272  4.032   1.00 0.00 ? 1  G A H8     1 
ATOM 29  H H1     . G A 1 1 ? 5.638   -2.367  8.289   1.00 0.00 ? 1  G A H1     1 
ATOM 30  H H21    . G A 1 1 ? 5.094   -3.801  9.914   1.00 0.00 ? 1  G A H21    1 
ATOM 31  H H22    . G A 1 1 ? 5.729   -5.467  9.960   1.00 0.00 ? 1  G A H22    1 
ATOM 32  H "HO5'" . G A 1 1 ? 9.925   -7.391  2.216   1.00 0.00 ? 1  G A "HO5'" 1 
ATOM 33  P P      . G A 1 2 ? 6.056   -9.151  2.996   1.00 0.00 ? 2  G A P      1 
ATOM 34  O OP1    . G A 1 2 ? 5.671   -10.431 2.362   1.00 0.00 ? 2  G A OP1    1 
ATOM 35  O OP2    . G A 1 2 ? 6.008   -7.905  2.199   1.00 0.00 ? 2  G A OP2    1 
ATOM 36  O "O5'"  . G A 1 2 ? 5.128   -8.945  4.293   1.00 0.00 ? 2  G A "O5'"  1 
ATOM 37  C "C5'"  . G A 1 2 ? 4.851   -9.977  5.225   1.00 0.00 ? 2  G A "C5'"  1 
ATOM 38  C "C4'"  . G A 1 2 ? 3.950   -9.353  6.285   1.00 0.00 ? 2  G A "C4'"  1 
ATOM 39  O "O4'"  . G A 1 2 ? 4.581   -8.290  6.985   1.00 0.00 ? 2  G A "O4'"  1 
ATOM 40  C "C3'"  . G A 1 2 ? 2.669   -8.738  5.717   1.00 0.00 ? 2  G A "C3'"  1 
ATOM 41  O "O3'"  . G A 1 2 ? 1.770   -9.758  5.277   1.00 0.00 ? 2  G A "O3'"  1 
ATOM 42  C "C2'"  . G A 1 2 ? 2.204   -8.000  6.932   1.00 0.00 ? 2  G A "C2'"  1 
ATOM 43  O "O2'"  . G A 1 2 ? 1.812   -9.022  7.843   1.00 0.00 ? 2  G A "O2'"  1 
ATOM 44  C "C1'"  . G A 1 2 ? 3.553   -7.360  7.345   1.00 0.00 ? 2  G A "C1'"  1 
ATOM 45  N N9     . G A 1 2 ? 3.813   -6.074  6.612   1.00 0.00 ? 2  G A N9     1 
ATOM 46  C C8     . G A 1 2 ? 4.694   -5.795  5.583   1.00 0.00 ? 2  G A C8     1 
ATOM 47  N N7     . G A 1 2 ? 4.686   -4.542  5.205   1.00 0.00 ? 2  G A N7     1 
ATOM 48  C C5     . G A 1 2 ? 3.745   -3.937  6.034   1.00 0.00 ? 2  G A C5     1 
ATOM 49  C C6     . G A 1 2 ? 3.311   -2.562  6.110   1.00 0.00 ? 2  G A C6     1 
ATOM 50  O O6     . G A 1 2 ? 3.690   -1.605  5.440   1.00 0.00 ? 2  G A O6     1 
ATOM 51  N N1     . G A 1 2 ? 2.340   -2.367  7.104   1.00 0.00 ? 2  G A N1     1 
ATOM 52  C C2     . G A 1 2 ? 1.844   -3.375  7.925   1.00 0.00 ? 2  G A C2     1 
ATOM 53  N N2     . G A 1 2 ? 0.913   -3.032  8.821   1.00 0.00 ? 2  G A N2     1 
ATOM 54  N N3     . G A 1 2 ? 2.258   -4.656  7.857   1.00 0.00 ? 2  G A N3     1 
ATOM 55  C C4     . G A 1 2 ? 3.206   -4.870  6.896   1.00 0.00 ? 2  G A C4     1 
ATOM 56  H "H5'"  . G A 1 2 ? 5.816   -10.289 5.623   1.00 0.00 ? 2  G A "H5'"  1 
ATOM 57  H "H5''" . G A 1 2 ? 4.353   -10.765 4.660   1.00 0.00 ? 2  G A "H5''" 1 
ATOM 58  H "H4'"  . G A 1 2 ? 3.636   -10.069 7.044   1.00 0.00 ? 2  G A "H4'"  1 
ATOM 59  H "H3'"  . G A 1 2 ? 2.869   -8.088  4.865   1.00 0.00 ? 2  G A "H3'"  1 
ATOM 60  H "H2'"  . G A 1 2 ? 1.440   -7.252  6.724   1.00 0.00 ? 2  G A "H2'"  1 
ATOM 61  H "HO2'" . G A 1 2 ? 1.138   -8.638  8.521   1.00 0.00 ? 2  G A "HO2'" 1 
ATOM 62  H "H1'"  . G A 1 2 ? 3.621   -7.213  8.423   1.00 0.00 ? 2  G A "H1'"  1 
ATOM 63  H H8     . G A 1 2 ? 5.335   -6.550  5.127   1.00 0.00 ? 2  G A H8     1 
ATOM 64  H H1     . G A 1 2 ? 1.970   -1.414  7.235   1.00 0.00 ? 2  G A H1     1 
ATOM 65  H H21    . G A 1 2 ? 0.593   -2.054  8.882   1.00 0.00 ? 2  G A H21    1 
ATOM 66  H H22    . G A 1 2 ? 0.517   -3.745  9.451   1.00 0.00 ? 2  G A H22    1 
ATOM 67  P P      . C A 1 3 ? 0.436   -9.452  4.449   1.00 0.00 ? 3  C A P      1 
ATOM 68  O OP1    . C A 1 3 ? -0.285  -10.728 4.243   1.00 0.00 ? 3  C A OP1    1 
ATOM 69  O OP2    . C A 1 3 ? 0.843   -8.655  3.272   1.00 0.00 ? 3  C A OP2    1 
ATOM 70  O "O5'"  . C A 1 3 ? -0.476  -8.513  5.375   1.00 0.00 ? 3  C A "O5'"  1 
ATOM 71  C "C5'"  . C A 1 3 ? -1.215  -8.941  6.504   1.00 0.00 ? 3  C A "C5'"  1 
ATOM 72  C "C4'"  . C A 1 3 ? -1.980  -7.688  6.980   1.00 0.00 ? 3  C A "C4'"  1 
ATOM 73  O "O4'"  . C A 1 3 ? -1.181  -6.693  7.607   1.00 0.00 ? 3  C A "O4'"  1 
ATOM 74  C "C3'"  . C A 1 3 ? -2.767  -7.016  5.916   1.00 0.00 ? 3  C A "C3'"  1 
ATOM 75  O "O3'"  . C A 1 3 ? -3.742  -7.995  5.519   1.00 0.00 ? 3  C A "O3'"  1 
ATOM 76  C "C2'"  . C A 1 3 ? -3.208  -5.803  6.757   1.00 0.00 ? 3  C A "C2'"  1 
ATOM 77  O "O2'"  . C A 1 3 ? -4.143  -6.205  7.754   1.00 0.00 ? 3  C A "O2'"  1 
ATOM 78  C "C1'"  . C A 1 3 ? -1.839  -5.446  7.368   1.00 0.00 ? 3  C A "C1'"  1 
ATOM 79  N N1     . C A 1 3 ? -1.025  -4.636  6.384   1.00 0.00 ? 3  C A N1     1 
ATOM 80  C C2     . C A 1 3 ? -1.171  -3.231  6.353   1.00 0.00 ? 3  C A C2     1 
ATOM 81  O O2     . C A 1 3 ? -1.945  -2.658  7.117   1.00 0.00 ? 3  C A O2     1 
ATOM 82  N N3     . C A 1 3 ? -0.418  -2.523  5.444   1.00 0.00 ? 3  C A N3     1 
ATOM 83  C C4     . C A 1 3 ? 0.430   -3.147  4.598   1.00 0.00 ? 3  C A C4     1 
ATOM 84  N N4     . C A 1 3 ? 1.155   -2.428  3.735   1.00 0.00 ? 3  C A N4     1 
ATOM 85  C C5     . C A 1 3 ? 0.570   -4.576  4.622   1.00 0.00 ? 3  C A C5     1 
ATOM 86  C C6     . C A 1 3 ? -0.158  -5.248  5.514   1.00 0.00 ? 3  C A C6     1 
ATOM 87  H "H5'"  . C A 1 3 ? -0.467  -9.291  7.216   1.00 0.00 ? 3  C A "H5'"  1 
ATOM 88  H "H5''" . C A 1 3 ? -1.865  -9.733  6.132   1.00 0.00 ? 3  C A "H5''" 1 
ATOM 89  H "H4'"  . C A 1 3 ? -2.732  -8.005  7.704   1.00 0.00 ? 3  C A "H4'"  1 
ATOM 90  H "H3'"  . C A 1 3 ? -2.164  -6.764  5.043   1.00 0.00 ? 3  C A "H3'"  1 
ATOM 91  H "H2'"  . C A 1 3 ? -3.623  -4.987  6.166   1.00 0.00 ? 3  C A "H2'"  1 
ATOM 92  H "HO2'" . C A 1 3 ? -4.860  -5.475  7.867   1.00 0.00 ? 3  C A "HO2'" 1 
ATOM 93  H "H1'"  . C A 1 3 ? -1.923  -4.963  8.341   1.00 0.00 ? 3  C A "H1'"  1 
ATOM 94  H H41    . C A 1 3 ? 1.067   -1.402  3.717   1.00 0.00 ? 3  C A H41    1 
ATOM 95  H H42    . C A 1 3 ? 1.803   -2.900  3.088   1.00 0.00 ? 3  C A H42    1 
ATOM 96  H H5     . C A 1 3 ? 1.244   -5.091  3.937   1.00 0.00 ? 3  C A H5     1 
ATOM 97  H H6     . C A 1 3 ? -0.060  -6.333  5.555   1.00 0.00 ? 3  C A H6     1 
ATOM 98  P P      . A A 1 4 ? -4.688  -7.870  4.264   1.00 0.00 ? 4  A A P      1 
ATOM 99  O OP1    . A A 1 4 ? -5.623  -9.018  4.242   1.00 0.00 ? 4  A A OP1    1 
ATOM 100 O OP2    . A A 1 4 ? -3.840  -7.586  3.086   1.00 0.00 ? 4  A A OP2    1 
ATOM 101 O "O5'"  . A A 1 4 ? -5.478  -6.583  4.634   1.00 0.00 ? 4  A A "O5'"  1 
ATOM 102 C "C5'"  . A A 1 4 ? -6.466  -6.482  5.623   1.00 0.00 ? 4  A A "C5'"  1 
ATOM 103 C "C4'"  . A A 1 4 ? -6.787  -4.982  5.628   1.00 0.00 ? 4  A A "C4'"  1 
ATOM 104 O "O4'"  . A A 1 4 ? -5.813  -4.089  6.249   1.00 0.00 ? 4  A A "O4'"  1 
ATOM 105 C "C3'"  . A A 1 4 ? -7.053  -4.434  4.244   1.00 0.00 ? 4  A A "C3'"  1 
ATOM 106 O "O3'"  . A A 1 4 ? -8.300  -4.675  3.595   1.00 0.00 ? 4  A A "O3'"  1 
ATOM 107 C "C2'"  . A A 1 4 ? -6.928  -3.006  4.554   1.00 0.00 ? 4  A A "C2'"  1 
ATOM 108 O "O2'"  . A A 1 4 ? -8.089  -2.438  5.134   1.00 0.00 ? 4  A A "O2'"  1 
ATOM 109 C "C1'"  . A A 1 4 ? -5.802  -2.850  5.487   1.00 0.00 ? 4  A A "C1'"  1 
ATOM 110 N N9     . A A 1 4 ? -4.587  -2.752  4.705   1.00 0.00 ? 4  A A N9     1 
ATOM 111 C C8     . A A 1 4 ? -3.903  -3.760  4.198   1.00 0.00 ? 4  A A C8     1 
ATOM 112 N N7     . A A 1 4 ? -2.852  -3.424  3.492   1.00 0.00 ? 4  A A N7     1 
ATOM 113 C C5     . A A 1 4 ? -2.882  -2.022  3.549   1.00 0.00 ? 4  A A C5     1 
ATOM 114 C C6     . A A 1 4 ? -2.071  -0.980  3.008   1.00 0.00 ? 4  A A C6     1 
ATOM 115 N N6     . A A 1 4 ? -1.000  -1.197  2.237   1.00 0.00 ? 4  A A N6     1 
ATOM 116 N N1     . A A 1 4 ? -2.437  0.308   3.253   1.00 0.00 ? 4  A A N1     1 
ATOM 117 C C2     . A A 1 4 ? -3.518  0.548   4.008   1.00 0.00 ? 4  A A C2     1 
ATOM 118 N N3     . A A 1 4 ? -4.344  -0.331  4.568   1.00 0.00 ? 4  A A N3     1 
ATOM 119 C C4     . A A 1 4 ? -3.955  -1.613  4.303   1.00 0.00 ? 4  A A C4     1 
ATOM 120 H "H5'"  . A A 1 4 ? -6.094  -6.824  6.589   1.00 0.00 ? 4  A A "H5'"  1 
ATOM 121 H "H5''" . A A 1 4 ? -7.338  -7.086  5.372   1.00 0.00 ? 4  A A "H5''" 1 
ATOM 122 H "H4'"  . A A 1 4 ? -7.722  -4.849  6.172   1.00 0.00 ? 4  A A "H4'"  1 
ATOM 123 H "H3'"  . A A 1 4 ? -6.327  -4.790  3.512   1.00 0.00 ? 4  A A "H3'"  1 
ATOM 124 H "H2'"  . A A 1 4 ? -6.698  -2.427  3.660   1.00 0.00 ? 4  A A "H2'"  1 
ATOM 125 H "HO2'" . A A 1 4 ? -8.522  -1.785  4.465   1.00 0.00 ? 4  A A "HO2'" 1 
ATOM 126 H "H1'"  . A A 1 4 ? -5.938  -1.989  6.142   1.00 0.00 ? 4  A A "H1'"  1 
ATOM 127 H H8     . A A 1 4 ? -4.194  -4.799  4.355   1.00 0.00 ? 4  A A H8     1 
ATOM 128 H H61    . A A 1 4 ? -0.455  -0.401  1.877   1.00 0.00 ? 4  A A H61    1 
ATOM 129 H H62    . A A 1 4 ? -0.720  -2.160  2.004   1.00 0.00 ? 4  A A H62    1 
ATOM 130 H H2     . A A 1 4 ? -3.751  1.598   4.185   1.00 0.00 ? 4  A A H2     1 
ATOM 131 P P      . G A 1 5 ? -8.545  -4.220  2.031   1.00 0.00 ? 5  G A P      1 
ATOM 132 O OP1    . G A 1 5 ? -9.959  -4.493  1.692   1.00 0.00 ? 5  G A OP1    1 
ATOM 133 O OP2    . G A 1 5 ? -7.476  -4.850  1.225   1.00 0.00 ? 5  G A OP2    1 
ATOM 134 O "O5'"  . G A 1 5 ? -8.319  -2.592  1.963   1.00 0.00 ? 5  G A "O5'"  1 
ATOM 135 C "C5'"  . G A 1 5 ? -9.246  -1.644  2.487   1.00 0.00 ? 5  G A "C5'"  1 
ATOM 136 C "C4'"  . G A 1 5 ? -8.703  -0.211  2.304   1.00 0.00 ? 5  G A "C4'"  1 
ATOM 137 O "O4'"  . G A 1 5 ? -7.476  0.114   2.971   1.00 0.00 ? 5  G A "O4'"  1 
ATOM 138 C "C3'"  . G A 1 5 ? -8.469  0.215   0.870   1.00 0.00 ? 5  G A "C3'"  1 
ATOM 139 O "O3'"  . G A 1 5 ? -9.680  0.270   0.127   1.00 0.00 ? 5  G A "O3'"  1 
ATOM 140 C "C2'"  . G A 1 5 ? -7.863  1.581   1.123   1.00 0.00 ? 5  G A "C2'"  1 
ATOM 141 O "O2'"  . G A 1 5 ? -8.846  2.414   1.720   1.00 0.00 ? 5  G A "O2'"  1 
ATOM 142 C "C1'"  . G A 1 5 ? -6.839  1.163   2.187   1.00 0.00 ? 5  G A "C1'"  1 
ATOM 143 N N9     . G A 1 5 ? -5.628  0.611   1.532   1.00 0.00 ? 5  G A N9     1 
ATOM 144 C C8     . G A 1 5 ? -5.157  -0.661  1.565   1.00 0.00 ? 5  G A C8     1 
ATOM 145 N N7     . G A 1 5 ? -4.059  -0.857  0.890   1.00 0.00 ? 5  G A N7     1 
ATOM 146 C C5     . G A 1 5 ? -3.758  0.400   0.384   1.00 0.00 ? 5  G A C5     1 
ATOM 147 C C6     . G A 1 5 ? -2.644  0.839   -0.412  1.00 0.00 ? 5  G A C6     1 
ATOM 148 O O6     . G A 1 5 ? -1.707  0.172   -0.842  1.00 0.00 ? 5  G A O6     1 
ATOM 149 N N1     . G A 1 5 ? -2.692  2.216   -0.667  1.00 0.00 ? 5  G A N1     1 
ATOM 150 C C2     . G A 1 5 ? -3.698  3.066   -0.222  1.00 0.00 ? 5  G A C2     1 
ATOM 151 N N2     . G A 1 5 ? -3.595  4.356   -0.555  1.00 0.00 ? 5  G A N2     1 
ATOM 152 N N3     . G A 1 5 ? -4.744  2.651   0.516   1.00 0.00 ? 5  G A N3     1 
ATOM 153 C C4     . G A 1 5 ? -4.713  1.314   0.786   1.00 0.00 ? 5  G A C4     1 
ATOM 154 H "H5'"  . G A 1 5 ? -9.409  -1.824  3.549   1.00 0.00 ? 5  G A "H5'"  1 
ATOM 155 H "H5''" . G A 1 5 ? -10.201 -1.726  1.967   1.00 0.00 ? 5  G A "H5''" 1 
ATOM 156 H "H4'"  . G A 1 5 ? -9.457  0.478   2.684   1.00 0.00 ? 5  G A "H4'"  1 
ATOM 157 H "H3'"  . G A 1 5 ? -7.800  -0.466  0.344   1.00 0.00 ? 5  G A "H3'"  1 
ATOM 158 H "H2'"  . G A 1 5 ? -7.392  2.026   0.246   1.00 0.00 ? 5  G A "H2'"  1 
ATOM 159 H "HO2'" . G A 1 5 ? -9.314  2.971   0.990   1.00 0.00 ? 5  G A "HO2'" 1 
ATOM 160 H "H1'"  . G A 1 5 ? -6.610  1.967   2.886   1.00 0.00 ? 5  G A "H1'"  1 
ATOM 161 H H8     . G A 1 5 ? -5.659  -1.458  2.114   1.00 0.00 ? 5  G A H8     1 
ATOM 162 H H1     . G A 1 5 ? -1.929  2.627   -1.224  1.00 0.00 ? 5  G A H1     1 
ATOM 163 H H21    . G A 1 5 ? -2.796  4.681   -1.118  1.00 0.00 ? 5  G A H21    1 
ATOM 164 H H22    . G A 1 5 ? -4.315  5.026   -0.250  1.00 0.00 ? 5  G A H22    1 
ATOM 165 P P      . G A 1 6 ? -9.711  0.418   -1.471  1.00 0.00 ? 6  G A P      1 
ATOM 166 O OP1    . G A 1 6 ? -11.122 0.570   -1.891  1.00 0.00 ? 6  G A OP1    1 
ATOM 167 O OP2    . G A 1 6 ? -8.917  -0.704  -2.016  1.00 0.00 ? 6  G A OP2    1 
ATOM 168 O "O5'"  . G A 1 6 ? -8.939  1.774   -1.846  1.00 0.00 ? 6  G A "O5'"  1 
ATOM 169 C "C5'"  . G A 1 6 ? -9.428  3.079   -1.596  1.00 0.00 ? 6  G A "C5'"  1 
ATOM 170 C "C4'"  . G A 1 6 ? -8.435  4.015   -2.290  1.00 0.00 ? 6  G A "C4'"  1 
ATOM 171 O "O4'"  . G A 1 6 ? -7.116  4.008   -1.724  1.00 0.00 ? 6  G A "O4'"  1 
ATOM 172 C "C3'"  . G A 1 6 ? -8.244  3.633   -3.765  1.00 0.00 ? 6  G A "C3'"  1 
ATOM 173 O "O3'"  . G A 1 6 ? -9.386  3.975   -4.556  1.00 0.00 ? 6  G A "O3'"  1 
ATOM 174 C "C2'"  . G A 1 6 ? -7.048  4.497   -4.028  1.00 0.00 ? 6  G A "C2'"  1 
ATOM 175 O "O2'"  . G A 1 6 ? -7.534  5.835   -4.043  1.00 0.00 ? 6  G A "O2'"  1 
ATOM 176 C "C1'"  . G A 1 6 ? -6.187  4.254   -2.802  1.00 0.00 ? 6  G A "C1'"  1 
ATOM 177 N N9     . G A 1 6 ? -5.365  3.030   -3.002  1.00 0.00 ? 6  G A N9     1 
ATOM 178 C C8     . G A 1 6 ? -5.644  1.777   -2.587  1.00 0.00 ? 6  G A C8     1 
ATOM 179 N N7     . G A 1 6 ? -4.729  0.886   -2.843  1.00 0.00 ? 6  G A N7     1 
ATOM 180 C C5     . G A 1 6 ? -3.751  1.613   -3.504  1.00 0.00 ? 6  G A C5     1 
ATOM 181 C C6     . G A 1 6 ? -2.487  1.189   -4.037  1.00 0.00 ? 6  G A C6     1 
ATOM 182 O O6     . G A 1 6 ? -1.987  0.068   -3.995  1.00 0.00 ? 6  G A O6     1 
ATOM 183 N N1     . G A 1 6 ? -1.810  2.229   -4.683  1.00 0.00 ? 6  G A N1     1 
ATOM 184 C C2     . G A 1 6 ? -2.278  3.534   -4.781  1.00 0.00 ? 6  G A C2     1 
ATOM 185 N N2     . G A 1 6 ? -1.501  4.402   -5.440  1.00 0.00 ? 6  G A N2     1 
ATOM 186 N N3     . G A 1 6 ? -3.452  3.942   -4.249  1.00 0.00 ? 6  G A N3     1 
ATOM 187 C C4     . G A 1 6 ? -4.139  2.935   -3.630  1.00 0.00 ? 6  G A C4     1 
ATOM 188 H "H5'"  . G A 1 6 ? -9.431  3.176   -0.511  1.00 0.00 ? 6  G A "H5'"  1 
ATOM 189 H "H5''" . G A 1 6 ? -10.424 3.097   -2.038  1.00 0.00 ? 6  G A "H5''" 1 
ATOM 190 H "H4'"  . G A 1 6 ? -8.818  5.033   -2.220  1.00 0.00 ? 6  G A "H4'"  1 
ATOM 191 H "H3'"  . G A 1 6 ? -8.063  2.567   -3.902  1.00 0.00 ? 6  G A "H3'"  1 
ATOM 192 H "H2'"  . G A 1 6 ? -6.526  4.208   -4.940  1.00 0.00 ? 6  G A "H2'"  1 
ATOM 193 H "HO2'" . G A 1 6 ? -8.132  5.974   -4.871  1.00 0.00 ? 6  G A "HO2'" 1 
ATOM 194 H "H1'"  . G A 1 6 ? -5.616  5.132   -2.497  1.00 0.00 ? 6  G A "H1'"  1 
ATOM 195 H H8     . G A 1 6 ? -6.571  1.527   -2.071  1.00 0.00 ? 6  G A H8     1 
ATOM 196 H H1     . G A 1 6 ? -0.900  2.012   -5.117  1.00 0.00 ? 6  G A H1     1 
ATOM 197 H H21    . G A 1 6 ? -0.606  4.089   -5.843  1.00 0.00 ? 6  G A H21    1 
ATOM 198 H H22    . G A 1 6 ? -1.798  5.383   -5.544  1.00 0.00 ? 6  G A H22    1 
ATOM 199 P P      . C A 1 7 ? -9.579  3.485   -6.077  1.00 0.00 ? 7  C A P      1 
ATOM 200 O OP1    . C A 1 7 ? -10.794 4.133   -6.622  1.00 0.00 ? 7  C A OP1    1 
ATOM 201 O OP2    . C A 1 7 ? -9.496  2.009   -6.055  1.00 0.00 ? 7  C A OP2    1 
ATOM 202 O "O5'"  . C A 1 7 ? -8.316  4.026   -6.902  1.00 0.00 ? 7  C A "O5'"  1 
ATOM 203 C "C5'"  . C A 1 7 ? -8.116  5.371   -7.272  1.00 0.00 ? 7  C A "C5'"  1 
ATOM 204 C "C4'"  . C A 1 7 ? -6.796  5.426   -8.054  1.00 0.00 ? 7  C A "C4'"  1 
ATOM 205 O "O4'"  . C A 1 7 ? -5.571  5.272   -7.303  1.00 0.00 ? 7  C A "O4'"  1 
ATOM 206 C "C3'"  . C A 1 7 ? -6.699  4.465   -9.246  1.00 0.00 ? 7  C A "C3'"  1 
ATOM 207 O "O3'"  . C A 1 7 ? -7.507  4.822   -10.367 1.00 0.00 ? 7  C A "O3'"  1 
ATOM 208 C "C2'"  . C A 1 7 ? -5.236  4.689   -9.548  1.00 0.00 ? 7  C A "C2'"  1 
ATOM 209 O "O2'"  . C A 1 7 ? -5.099  6.025   -10.020 1.00 0.00 ? 7  C A "O2'"  1 
ATOM 210 C "C1'"  . C A 1 7 ? -4.619  4.600   -8.167  1.00 0.00 ? 7  C A "C1'"  1 
ATOM 211 N N1     . C A 1 7 ? -4.436  3.197   -7.655  1.00 0.00 ? 7  C A N1     1 
ATOM 212 C C2     . C A 1 7 ? -3.239  2.507   -7.951  1.00 0.00 ? 7  C A C2     1 
ATOM 213 O O2     . C A 1 7 ? -2.376  3.021   -8.657  1.00 0.00 ? 7  C A O2     1 
ATOM 214 N N3     . C A 1 7 ? -3.069  1.246   -7.435  1.00 0.00 ? 7  C A N3     1 
ATOM 215 C C4     . C A 1 7 ? -4.015  0.679   -6.655  1.00 0.00 ? 7  C A C4     1 
ATOM 216 N N4     . C A 1 7 ? -3.810  -0.559  -6.182  1.00 0.00 ? 7  C A N4     1 
ATOM 217 C C5     . C A 1 7 ? -5.228  1.391   -6.326  1.00 0.00 ? 7  C A C5     1 
ATOM 218 C C6     . C A 1 7 ? -5.381  2.622   -6.846  1.00 0.00 ? 7  C A C6     1 
ATOM 219 H "H5'"  . C A 1 7 ? -8.067  5.949   -6.349  1.00 0.00 ? 7  C A "H5'"  1 
ATOM 220 H "H5''" . C A 1 7 ? -8.966  5.659   -7.888  1.00 0.00 ? 7  C A "H5''" 1 
ATOM 221 H "H4'"  . C A 1 7 ? -6.743  6.401   -8.538  1.00 0.00 ? 7  C A "H4'"  1 
ATOM 222 H "H3'"  . C A 1 7 ? -6.948  3.439   -8.977  1.00 0.00 ? 7  C A "H3'"  1 
ATOM 223 H "H2'"  . C A 1 7 ? -4.829  3.930   -10.216 1.00 0.00 ? 7  C A "H2'"  1 
ATOM 224 H "HO2'" . C A 1 7 ? -5.966  6.311   -10.498 1.00 0.00 ? 7  C A "HO2'" 1 
ATOM 225 H "H1'"  . C A 1 7 ? -3.699  5.173   -8.055  1.00 0.00 ? 7  C A "H1'"  1 
ATOM 226 H H41    . C A 1 7 ? -2.941  -1.061  -6.415  1.00 0.00 ? 7  C A H41    1 
ATOM 227 H H42    . C A 1 7 ? -4.520  -1.007  -5.586  1.00 0.00 ? 7  C A H42    1 
ATOM 228 H H5     . C A 1 7 ? -5.988  0.949   -5.682  1.00 0.00 ? 7  C A H5     1 
ATOM 229 H H6     . C A 1 7 ? -6.287  3.181   -6.616  1.00 0.00 ? 7  C A H6     1 
ATOM 230 P P      . C A 1 8 ? -7.684  3.837   -11.633 1.00 0.00 ? 8  C A P      1 
ATOM 231 O OP1    . C A 1 8 ? -8.429  4.554   -12.690 1.00 0.00 ? 8  C A OP1    1 
ATOM 232 O OP2    . C A 1 8 ? -8.216  2.557   -11.111 1.00 0.00 ? 8  C A OP2    1 
ATOM 233 O "O5'"  . C A 1 8 ? -6.188  3.564   -12.170 1.00 0.00 ? 8  C A "O5'"  1 
ATOM 234 C "C5'"  . C A 1 8 ? -5.392  4.496   -12.908 1.00 0.00 ? 8  C A "C5'"  1 
ATOM 235 C "C4'"  . C A 1 8 ? -4.035  3.802   -13.186 1.00 0.00 ? 8  C A "C4'"  1 
ATOM 236 O "O4'"  . C A 1 8 ? -3.324  3.484   -11.980 1.00 0.00 ? 8  C A "O4'"  1 
ATOM 237 C "C3'"  . C A 1 8 ? -4.292  2.433   -13.759 1.00 0.00 ? 8  C A "C3'"  1 
ATOM 238 O "O3'"  . C A 1 8 ? -4.737  2.368   -15.085 1.00 0.00 ? 8  C A "O3'"  1 
ATOM 239 C "C2'"  . C A 1 8 ? -2.985  1.747   -13.548 1.00 0.00 ? 8  C A "C2'"  1 
ATOM 240 O "O2'"  . C A 1 8 ? -2.047  2.217   -14.460 1.00 0.00 ? 8  C A "O2'"  1 
ATOM 241 C "C1'"  . C A 1 8 ? -2.550  2.275   -12.192 1.00 0.00 ? 8  C A "C1'"  1 
ATOM 242 N N1     . C A 1 8 ? -2.898  1.181   -11.246 1.00 0.00 ? 8  C A N1     1 
ATOM 243 C C2     . C A 1 8 ? -2.008  0.095   -11.121 1.00 0.00 ? 8  C A C2     1 
ATOM 244 O O2     . C A 1 8 ? -0.935  0.074   -11.726 1.00 0.00 ? 8  C A O2     1 
ATOM 245 N N3     . C A 1 8 ? -2.383  -0.950  -10.324 1.00 0.00 ? 8  C A N3     1 
ATOM 246 C C4     . C A 1 8 ? -3.567  -0.951  -9.683  1.00 0.00 ? 8  C A C4     1 
ATOM 247 N N4     . C A 1 8 ? -3.889  -1.992  -8.912  1.00 0.00 ? 8  C A N4     1 
ATOM 248 C C5     . C A 1 8 ? -4.487  0.150   -9.809  1.00 0.00 ? 8  C A C5     1 
ATOM 249 C C6     . C A 1 8 ? -4.102  1.184   -10.595 1.00 0.00 ? 8  C A C6     1 
ATOM 250 H "H5'"  . C A 1 8 ? -5.278  5.379   -12.279 1.00 0.00 ? 8  C A "H5'"  1 
ATOM 251 H "H5''" . C A 1 8 ? -5.935  4.715   -13.827 1.00 0.00 ? 8  C A "H5''" 1 
ATOM 252 H "H4'"  . C A 1 8 ? -3.364  4.422   -13.782 1.00 0.00 ? 8  C A "H4'"  1 
ATOM 253 H "H3'"  . C A 1 8 ? -5.107  1.932   -13.236 1.00 0.00 ? 8  C A "H3'"  1 
ATOM 254 H "HO3'" . C A 1 8 ? -5.766  2.384   -15.103 1.00 0.00 ? 8  C A "HO3'" 1 
ATOM 255 H "H2'"  . C A 1 8 ? -3.088  0.662   -13.535 1.00 0.00 ? 8  C A "H2'"  1 
ATOM 256 H "HO2'" . C A 1 8 ? -1.883  3.221   -14.298 1.00 0.00 ? 8  C A "HO2'" 1 
ATOM 257 H "H1'"  . C A 1 8 ? -1.507  2.589   -12.169 1.00 0.00 ? 8  C A "H1'"  1 
ATOM 258 H H41    . C A 1 8 ? -3.236  -2.783  -8.813  1.00 0.00 ? 8  C A H41    1 
ATOM 259 H H42    . C A 1 8 ? -4.792  -2.006  -8.416  1.00 0.00 ? 8  C A H42    1 
ATOM 260 H H5     . C A 1 8 ? -5.449  0.151   -9.296  1.00 0.00 ? 8  C A H5     1 
ATOM 261 H H6     . C A 1 8 ? -4.766  2.039   -10.711 1.00 0.00 ? 8  C A H6     1 
ATOM 262 O "O5'"  . G B 1 1 ? 3.090   -10.622 -7.950  1.00 0.00 ? 9  G B "O5'"  1 
ATOM 263 C "C5'"  . G B 1 1 ? 4.000   -10.298 -8.958  1.00 0.00 ? 9  G B "C5'"  1 
ATOM 264 C "C4'"  . G B 1 1 ? 3.738   -8.940  -9.662  1.00 0.00 ? 9  G B "C4'"  1 
ATOM 265 O "O4'"  . G B 1 1 ? 2.433   -8.783  -10.203 1.00 0.00 ? 9  G B "O4'"  1 
ATOM 266 C "C3'"  . G B 1 1 ? 3.966   -7.649  -8.884  1.00 0.00 ? 9  G B "C3'"  1 
ATOM 267 O "O3'"  . G B 1 1 ? 5.323   -7.478  -8.471  1.00 0.00 ? 9  G B "O3'"  1 
ATOM 268 C "C2'"  . G B 1 1 ? 3.537   -6.659  -9.943  1.00 0.00 ? 9  G B "C2'"  1 
ATOM 269 O "O2'"  . G B 1 1 ? 4.559   -6.655  -10.935 1.00 0.00 ? 9  G B "O2'"  1 
ATOM 270 C "C1'"  . G B 1 1 ? 2.254   -7.366  -10.418 1.00 0.00 ? 9  G B "C1'"  1 
ATOM 271 N N9     . G B 1 1 ? 1.132   -6.864  -9.578  1.00 0.00 ? 9  G B N9     1 
ATOM 272 C C8     . G B 1 1 ? 0.575   -7.414  -8.457  1.00 0.00 ? 9  G B C8     1 
ATOM 273 N N7     . G B 1 1 ? -0.395  -6.716  -7.934  1.00 0.00 ? 9  G B N7     1 
ATOM 274 C C5     . G B 1 1 ? -0.493  -5.609  -8.768  1.00 0.00 ? 9  G B C5     1 
ATOM 275 C C6     . G B 1 1 ? -1.373  -4.475  -8.706  1.00 0.00 ? 9  G B C6     1 
ATOM 276 O O6     . G B 1 1 ? -2.254  -4.242  -7.882  1.00 0.00 ? 9  G B O6     1 
ATOM 277 N N1     . G B 1 1 ? -1.128  -3.558  -9.738  1.00 0.00 ? 9  G B N1     1 
ATOM 278 C C2     . G B 1 1 ? -0.154  -3.713  -10.718 1.00 0.00 ? 9  G B C2     1 
ATOM 279 N N2     . G B 1 1 ? -0.045  -2.735  -11.628 1.00 0.00 ? 9  G B N2     1 
ATOM 280 N N3     . G B 1 1 ? 0.666   -4.782  -10.779 1.00 0.00 ? 9  G B N3     1 
ATOM 281 C C4     . G B 1 1 ? 0.446   -5.688  -9.777  1.00 0.00 ? 9  G B C4     1 
ATOM 282 H "H5'"  . G B 1 1 ? 3.954   -11.075 -9.720  1.00 0.00 ? 9  G B "H5'"  1 
ATOM 283 H "H5''" . G B 1 1 ? 4.994   -10.249 -8.515  1.00 0.00 ? 9  G B "H5''" 1 
ATOM 284 H "H4'"  . G B 1 1 ? 4.445   -8.844  -10.486 1.00 0.00 ? 9  G B "H4'"  1 
ATOM 285 H "H3'"  . G B 1 1 ? 3.364   -7.605  -7.977  1.00 0.00 ? 9  G B "H3'"  1 
ATOM 286 H "H2'"  . G B 1 1 ? 3.336   -5.661  -9.553  1.00 0.00 ? 9  G B "H2'"  1 
ATOM 287 H "HO2'" . G B 1 1 ? 5.302   -5.996  -10.660 1.00 0.00 ? 9  G B "HO2'" 1 
ATOM 288 H "H1'"  . G B 1 1 ? 2.089   -7.213  -11.485 1.00 0.00 ? 9  G B "H1'"  1 
ATOM 289 H H8     . G B 1 1 ? 0.914   -8.360  -8.034  1.00 0.00 ? 9  G B H8     1 
ATOM 290 H H1     . G B 1 1 ? -1.710  -2.709  -9.772  1.00 0.00 ? 9  G B H1     1 
ATOM 291 H H21    . G B 1 1 ? -0.667  -1.916  -11.581 1.00 0.00 ? 9  G B H21    1 
ATOM 292 H H22    . G B 1 1 ? 0.662   -2.802  -12.375 1.00 0.00 ? 9  G B H22    1 
ATOM 293 H "HO5'" . G B 1 1 ? 2.382   -9.879  -7.873  1.00 0.00 ? 9  G B "HO5'" 1 
ATOM 294 P P      . G B 1 2 ? 5.794   -6.279  -7.500  1.00 0.00 ? 10 G B P      1 
ATOM 295 O OP1    . G B 1 2 ? 7.252   -6.406  -7.276  1.00 0.00 ? 10 G B OP1    1 
ATOM 296 O OP2    . G B 1 2 ? 4.879   -6.275  -6.339  1.00 0.00 ? 10 G B OP2    1 
ATOM 297 O "O5'"  . G B 1 2 ? 5.539   -4.929  -8.338  1.00 0.00 ? 10 G B "O5'"  1 
ATOM 298 C "C5'"  . G B 1 2 ? 6.328   -4.537  -9.453  1.00 0.00 ? 10 G B "C5'"  1 
ATOM 299 C "C4'"  . G B 1 2 ? 5.739   -3.217  -9.945  1.00 0.00 ? 10 G B "C4'"  1 
ATOM 300 O "O4'"  . G B 1 2 ? 4.387   -3.347  -10.371 1.00 0.00 ? 10 G B "O4'"  1 
ATOM 301 C "C3'"  . G B 1 2 ? 5.703   -2.131  -8.877  1.00 0.00 ? 10 G B "C3'"  1 
ATOM 302 O "O3'"  . G B 1 2 ? 7.022   -1.664  -8.588  1.00 0.00 ? 10 G B "O3'"  1 
ATOM 303 C "C2'"  . G B 1 2 ? 4.821   -1.136  -9.575  1.00 0.00 ? 10 G B "C2'"  1 
ATOM 304 O "O2'"  . G B 1 2 ? 5.540   -0.633  -10.690 1.00 0.00 ? 10 G B "O2'"  1 
ATOM 305 C "C1'"  . G B 1 2 ? 3.734   -2.104  -10.080 1.00 0.00 ? 10 G B "C1'"  1 
ATOM 306 N N9     . G B 1 2 ? 2.675   -2.351  -9.050  1.00 0.00 ? 10 G B N9     1 
ATOM 307 C C8     . G B 1 2 ? 2.431   -3.463  -8.271  1.00 0.00 ? 10 G B C8     1 
ATOM 308 N N7     . G B 1 2 ? 1.383   -3.351  -7.499  1.00 0.00 ? 10 G B N7     1 
ATOM 309 C C5     . G B 1 2 ? 0.887   -2.082  -7.777  1.00 0.00 ? 10 G B C5     1 
ATOM 310 C C6     . G B 1 2 ? -0.268  -1.394  -7.253  1.00 0.00 ? 10 G B C6     1 
ATOM 311 O O6     . G B 1 2 ? -1.082  -1.796  -6.424  1.00 0.00 ? 10 G B O6     1 
ATOM 312 N N1     . G B 1 2 ? -0.425  -0.117  -7.811  1.00 0.00 ? 10 G B N1     1 
ATOM 313 C C2     . G B 1 2 ? 0.431   0.435   -8.761  1.00 0.00 ? 10 G B C2     1 
ATOM 314 N N2     . G B 1 2 ? 0.152   1.669   -9.192  1.00 0.00 ? 10 G B N2     1 
ATOM 315 N N3     . G B 1 2 ? 1.504   -0.215  -9.255  1.00 0.00 ? 10 G B N3     1 
ATOM 316 C C4     . G B 1 2 ? 1.675   -1.462  -8.725  1.00 0.00 ? 10 G B C4     1 
ATOM 317 H "H5'"  . G B 1 2 ? 6.233   -5.339  -10.186 1.00 0.00 ? 10 G B "H5'"  1 
ATOM 318 H "H5''" . G B 1 2 ? 7.346   -4.429  -9.079  1.00 0.00 ? 10 G B "H5''" 1 
ATOM 319 H "H4'"  . G B 1 2 ? 6.286   -2.805  -10.793 1.00 0.00 ? 10 G B "H4'"  1 
ATOM 320 H "H3'"  . G B 1 2 ? 5.287   -2.494  -7.937  1.00 0.00 ? 10 G B "H3'"  1 
ATOM 321 H "H2'"  . G B 1 2 ? 4.417   -0.370  -8.914  1.00 0.00 ? 10 G B "H2'"  1 
ATOM 322 H "HO2'" . G B 1 2 ? 5.581   0.394   -10.637 1.00 0.00 ? 10 G B "HO2'" 1 
ATOM 323 H "H1'"  . G B 1 2 ? 3.281   -1.760  -11.011 1.00 0.00 ? 10 G B "H1'"  1 
ATOM 324 H H8     . G B 1 2 ? 3.057   -4.355  -8.296  1.00 0.00 ? 10 G B H8     1 
ATOM 325 H H1     . G B 1 2 ? -1.226  0.450   -7.498  1.00 0.00 ? 10 G B H1     1 
ATOM 326 H H21    . G B 1 2 ? -0.668  2.171   -8.821  1.00 0.00 ? 10 G B H21    1 
ATOM 327 H H22    . G B 1 2 ? 0.756   2.119   -9.893  1.00 0.00 ? 10 G B H22    1 
ATOM 328 P P      . C B 1 3 ? 7.357   -0.685  -7.366  1.00 0.00 ? 11 C B P      1 
ATOM 329 O OP1    . C B 1 3 ? 8.795   -0.344  -7.423  1.00 0.00 ? 11 C B OP1    1 
ATOM 330 O OP2    . C B 1 3 ? 6.813   -1.320  -6.146  1.00 0.00 ? 11 C B OP2    1 
ATOM 331 O "O5'"  . C B 1 3 ? 6.523   0.651   -7.623  1.00 0.00 ? 11 C B "O5'"  1 
ATOM 332 C "C5'"  . C B 1 3 ? 6.833   1.632   -8.589  1.00 0.00 ? 11 C B "C5'"  1 
ATOM 333 C "C4'"  . C B 1 3 ? 5.788   2.737   -8.375  1.00 0.00 ? 11 C B "C4'"  1 
ATOM 334 O "O4'"  . C B 1 3 ? 4.467   2.423   -8.808  1.00 0.00 ? 11 C B "O4'"  1 
ATOM 335 C "C3'"  . C B 1 3 ? 5.690   3.226   -6.979  1.00 0.00 ? 11 C B "C3'"  1 
ATOM 336 O "O3'"  . C B 1 3 ? 6.983   3.785   -6.692  1.00 0.00 ? 11 C B "O3'"  1 
ATOM 337 C "C2'"  . C B 1 3 ? 4.494   4.166   -7.215  1.00 0.00 ? 11 C B "C2'"  1 
ATOM 338 O "O2'"  . C B 1 3 ? 4.870   5.268   -8.035  1.00 0.00 ? 11 C B "O2'"  1 
ATOM 339 C "C1'"  . C B 1 3 ? 3.583   3.195   -7.985  1.00 0.00 ? 11 C B "C1'"  1 
ATOM 340 N N1     . C B 1 3 ? 2.859   2.269   -7.034  1.00 0.00 ? 11 C B N1     1 
ATOM 341 C C2     . C B 1 3 ? 1.617   2.664   -6.488  1.00 0.00 ? 11 C B C2     1 
ATOM 342 O O2     . C B 1 3 ? 1.117   3.750   -6.771  1.00 0.00 ? 11 C B O2     1 
ATOM 343 N N3     . C B 1 3 ? 0.983   1.795   -5.629  1.00 0.00 ? 11 C B N3     1 
ATOM 344 C C4     . C B 1 3 ? 1.530   0.602   -5.308  1.00 0.00 ? 11 C B C4     1 
ATOM 345 N N4     . C B 1 3 ? 0.883   -0.223  -4.478  1.00 0.00 ? 11 C B N4     1 
ATOM 346 C C5     . C B 1 3 ? 2.796   0.205   -5.857  1.00 0.00 ? 11 C B C5     1 
ATOM 347 C C6     . C B 1 3 ? 3.394   1.053   -6.694  1.00 0.00 ? 11 C B C6     1 
ATOM 348 H "H5'"  . C B 1 3 ? 6.739   1.119   -9.546  1.00 0.00 ? 11 C B "H5'"  1 
ATOM 349 H "H5''" . C B 1 3 ? 7.852   1.941   -8.355  1.00 0.00 ? 11 C B "H5''" 1 
ATOM 350 H "H4'"  . C B 1 3 ? 6.110   3.617   -8.932  1.00 0.00 ? 11 C B "H4'"  1 
ATOM 351 H "H3'"  . C B 1 3 ? 5.504   2.426   -6.264  1.00 0.00 ? 11 C B "H3'"  1 
ATOM 352 H "H2'"  . C B 1 3 ? 4.031   4.522   -6.295  1.00 0.00 ? 11 C B "H2'"  1 
ATOM 353 H "HO2'" . C B 1 3 ? 4.033   5.818   -8.276  1.00 0.00 ? 11 C B "HO2'" 1 
ATOM 354 H "H1'"  . C B 1 3 ? 2.909   3.694   -8.681  1.00 0.00 ? 11 C B "H1'"  1 
ATOM 355 H H41    . C B 1 3 ? -0.029  0.052   -4.086  1.00 0.00 ? 11 C B H41    1 
ATOM 356 H H42    . C B 1 3 ? 1.297   -1.134  -4.231  1.00 0.00 ? 11 C B H42    1 
ATOM 357 H H5     . C B 1 3 ? 3.250   -0.751  -5.599  1.00 0.00 ? 11 C B H5     1 
ATOM 358 H H6     . C B 1 3 ? 4.351   0.766   -7.129  1.00 0.00 ? 11 C B H6     1 
ATOM 359 P P      . A B 1 4 ? 7.479   4.231   -5.262  1.00 0.00 ? 12 A B P      1 
ATOM 360 O OP1    . A B 1 4 ? 8.821   4.844   -5.383  1.00 0.00 ? 12 A B OP1    1 
ATOM 361 O OP2    . A B 1 4 ? 7.267   3.095   -4.337  1.00 0.00 ? 12 A B OP2    1 
ATOM 362 O "O5'"  . A B 1 4 ? 6.443   5.344   -4.934  1.00 0.00 ? 12 A B "O5'"  1 
ATOM 363 C "C5'"  . A B 1 4 ? 6.399   6.617   -5.517  1.00 0.00 ? 12 A B "C5'"  1 
ATOM 364 C "C4'"  . A B 1 4 ? 5.119   7.221   -4.923  1.00 0.00 ? 12 A B "C4'"  1 
ATOM 365 O "O4'"  . A B 1 4 ? 3.848   6.732   -5.445  1.00 0.00 ? 12 A B "O4'"  1 
ATOM 366 C "C3'"  . A B 1 4 ? 5.047   7.088   -3.418  1.00 0.00 ? 12 A B "C3'"  1 
ATOM 367 O "O3'"  . A B 1 4 ? 5.813   7.945   -2.574  1.00 0.00 ? 12 A B "O3'"  1 
ATOM 368 C "C2'"  . A B 1 4 ? 3.612   7.365   -3.241  1.00 0.00 ? 12 A B "C2'"  1 
ATOM 369 O "O2'"  . A B 1 4 ? 3.255   8.737   -3.231  1.00 0.00 ? 12 A B "O2'"  1 
ATOM 370 C "C1'"  . A B 1 4 ? 2.900   6.704   -4.345  1.00 0.00 ? 12 A B "C1'"  1 
ATOM 371 N N9     . A B 1 4 ? 2.637   5.340   -3.940  1.00 0.00 ? 12 A B N9     1 
ATOM 372 C C8     . A B 1 4 ? 3.482   4.329   -4.013  1.00 0.00 ? 12 A B C8     1 
ATOM 373 N N7     . A B 1 4 ? 3.030   3.191   -3.546  1.00 0.00 ? 12 A B N7     1 
ATOM 374 C C5     . A B 1 4 ? 1.737   3.530   -3.111  1.00 0.00 ? 12 A B C5     1 
ATOM 375 C C6     . A B 1 4 ? 0.671   2.815   -2.490  1.00 0.00 ? 12 A B C6     1 
ATOM 376 N N6     . A B 1 4 ? 0.736   1.522   -2.161  1.00 0.00 ? 12 A B N6     1 
ATOM 377 N N1     . A B 1 4 ? -0.462  3.503   -2.173  1.00 0.00 ? 12 A B N1     1 
ATOM 378 C C2     . A B 1 4 ? -0.543  4.807   -2.478  1.00 0.00 ? 12 A B C2     1 
ATOM 379 N N3     . A B 1 4 ? 0.376   5.574   -3.058  1.00 0.00 ? 12 A B N3     1 
ATOM 380 C C4     . A B 1 4 ? 1.500   4.859   -3.362  1.00 0.00 ? 12 A B C4     1 
ATOM 381 H "H5'"  . A B 1 4 ? 6.352   6.550   -6.604  1.00 0.00 ? 12 A B "H5'"  1 
ATOM 382 H "H5''" . A B 1 4 ? 7.283   7.199   -5.258  1.00 0.00 ? 12 A B "H5''" 1 
ATOM 383 H "H4'"  . A B 1 4 ? 5.142   8.294   -5.112  1.00 0.00 ? 12 A B "H4'"  1 
ATOM 384 H "H3'"  . A B 1 4 ? 5.346   6.097   -3.076  1.00 0.00 ? 12 A B "H3'"  1 
ATOM 385 H "H2'"  . A B 1 4 ? 3.233   6.940   -2.312  1.00 0.00 ? 12 A B "H2'"  1 
ATOM 386 H "HO2'" . A B 1 4 ? 2.591   8.926   -3.995  1.00 0.00 ? 12 A B "HO2'" 1 
ATOM 387 H "H1'"  . A B 1 4 ? 2.041   7.261   -4.720  1.00 0.00 ? 12 A B "H1'"  1 
ATOM 388 H H8     . A B 1 4 ? 4.484   4.434   -4.431  1.00 0.00 ? 12 A B H8     1 
ATOM 389 H H61    . A B 1 4 ? -0.070  1.063   -1.714  1.00 0.00 ? 12 A B H61    1 
ATOM 390 H H62    . A B 1 4 ? 1.594   0.985   -2.353  1.00 0.00 ? 12 A B H62    1 
ATOM 391 H H2     . A B 1 4 ? -1.480  5.299   -2.218  1.00 0.00 ? 12 A B H2     1 
ATOM 392 P P      . G B 1 5 ? 5.869   7.702   -0.946  1.00 0.00 ? 13 G B P      1 
ATOM 393 O OP1    . G B 1 5 ? 6.637   8.814   -0.344  1.00 0.00 ? 13 G B OP1    1 
ATOM 394 O OP2    . G B 1 5 ? 6.327   6.312   -0.731  1.00 0.00 ? 13 G B OP2    1 
ATOM 395 O "O5'"  . G B 1 5 ? 4.325   7.802   -0.393  1.00 0.00 ? 13 G B "O5'"  1 
ATOM 396 C "C5'"  . G B 1 5 ? 3.606   9.027   -0.282  1.00 0.00 ? 13 G B "C5'"  1 
ATOM 397 C "C4'"  . G B 1 5 ? 2.174   8.756   0.221   1.00 0.00 ? 13 G B "C4'"  1 
ATOM 398 O "O4'"  . G B 1 5 ? 1.328   7.942   -0.602  1.00 0.00 ? 13 G B "O4'"  1 
ATOM 399 C "C3'"  . G B 1 5 ? 2.085   8.118   1.593   1.00 0.00 ? 13 G B "C3'"  1 
ATOM 400 O "O3'"  . G B 1 5 ? 2.593   8.973   2.610   1.00 0.00 ? 13 G B "O3'"  1 
ATOM 401 C "C2'"  . G B 1 5 ? 0.584   7.945   1.674   1.00 0.00 ? 13 G B "C2'"  1 
ATOM 402 O "O2'"  . G B 1 5 ? 0.008   9.243   1.716   1.00 0.00 ? 13 G B "O2'"  1 
ATOM 403 C "C1'"  . G B 1 5 ? 0.373   7.300   0.292   1.00 0.00 ? 13 G B "C1'"  1 
ATOM 404 N N9     . G B 1 5 ? 0.681   5.848   0.359   1.00 0.00 ? 13 G B N9     1 
ATOM 405 C C8     . G B 1 5 ? 1.692   5.170   -0.242  1.00 0.00 ? 13 G B C8     1 
ATOM 406 N N7     . G B 1 5 ? 1.714   3.889   0.000   1.00 0.00 ? 13 G B N7     1 
ATOM 407 C C5     . G B 1 5 ? 0.606   3.690   0.811   1.00 0.00 ? 13 G B C5     1 
ATOM 408 C C6     . G B 1 5 ? 0.073   2.481   1.378   1.00 0.00 ? 13 G B C6     1 
ATOM 409 O O6     . G B 1 5 ? 0.511   1.337   1.278   1.00 0.00 ? 13 G B O6     1 
ATOM 410 N N1     . G B 1 5 ? -1.103  2.713   2.100   1.00 0.00 ? 13 G B N1     1 
ATOM 411 C C2     . G B 1 5 ? -1.691  3.962   2.270   1.00 0.00 ? 13 G B C2     1 
ATOM 412 N N2     . G B 1 5 ? -2.816  4.014   2.990   1.00 0.00 ? 13 G B N2     1 
ATOM 413 N N3     . G B 1 5 ? -1.187  5.095   1.744   1.00 0.00 ? 13 G B N3     1 
ATOM 414 C C4     . G B 1 5 ? -0.045  4.890   1.026   1.00 0.00 ? 13 G B C4     1 
ATOM 415 H "H5'"  . G B 1 5 ? 3.551   9.518   -1.254  1.00 0.00 ? 13 G B "H5'"  1 
ATOM 416 H "H5''" . G B 1 5 ? 4.106   9.692   0.422   1.00 0.00 ? 13 G B "H5''" 1 
ATOM 417 H "H4'"  . G B 1 5 ? 1.674   9.719   0.323   1.00 0.00 ? 13 G B "H4'"  1 
ATOM 418 H "H3'"  . G B 1 5 ? 2.635   7.179   1.646   1.00 0.00 ? 13 G B "H3'"  1 
ATOM 419 H "H2'"  . G B 1 5 ? 0.257   7.298   2.488   1.00 0.00 ? 13 G B "H2'"  1 
ATOM 420 H "HO2'" . G B 1 5 ? -0.542  9.404   0.860   1.00 0.00 ? 13 G B "HO2'" 1 
ATOM 421 H "H1'"  . G B 1 5 ? -0.614  7.508   -0.121  1.00 0.00 ? 13 G B "H1'"  1 
ATOM 422 H H8     . G B 1 5 ? 2.430   5.660   -0.878  1.00 0.00 ? 13 G B H8     1 
ATOM 423 H H1     . G B 1 5 ? -1.565  1.903   2.537   1.00 0.00 ? 13 G B H1     1 
ATOM 424 H H21    . G B 1 5 ? -3.210  3.150   3.392   1.00 0.00 ? 13 G B H21    1 
ATOM 425 H H22    . G B 1 5 ? -3.289  4.916   3.143   1.00 0.00 ? 13 G B H22    1 
ATOM 426 P P      . G B 1 6 ? 2.877   8.467   4.105   1.00 0.00 ? 14 G B P      1 
ATOM 427 O OP1    . G B 1 6 ? 3.267   9.640   4.920   1.00 0.00 ? 14 G B OP1    1 
ATOM 428 O OP2    . G B 1 6 ? 3.814   7.329   3.992   1.00 0.00 ? 14 G B OP2    1 
ATOM 429 O "O5'"  . G B 1 6 ? 1.501   7.893   4.698   1.00 0.00 ? 14 G B "O5'"  1 
ATOM 430 C "C5'"  . G B 1 6 ? 0.382   8.683   5.061   1.00 0.00 ? 14 G B "C5'"  1 
ATOM 431 C "C4'"  . G B 1 6 ? -0.585  7.710   5.740   1.00 0.00 ? 14 G B "C4'"  1 
ATOM 432 O "O4'"  . G B 1 6 ? -1.123  6.701   4.873   1.00 0.00 ? 14 G B "O4'"  1 
ATOM 433 C "C3'"  . G B 1 6 ? 0.110   6.942   6.875   1.00 0.00 ? 14 G B "C3'"  1 
ATOM 434 O "O3'"  . G B 1 6 ? 0.348   7.779   8.012   1.00 0.00 ? 14 G B "O3'"  1 
ATOM 435 C "C2'"  . G B 1 6 ? -0.967  5.924   7.095   1.00 0.00 ? 14 G B "C2'"  1 
ATOM 436 O "O2'"  . G B 1 6 ? -2.025  6.641   7.725   1.00 0.00 ? 14 G B "O2'"  1 
ATOM 437 C "C1'"  . G B 1 6 ? -1.335  5.521   5.676   1.00 0.00 ? 14 G B "C1'"  1 
ATOM 438 N N9     . G B 1 6 ? -0.406  4.459   5.200   1.00 0.00 ? 14 G B N9     1 
ATOM 439 C C8     . G B 1 6 ? 0.712   4.618   4.459   1.00 0.00 ? 14 G B C8     1 
ATOM 440 N N7     . G B 1 6 ? 1.327   3.519   4.129   1.00 0.00 ? 14 G B N7     1 
ATOM 441 C C5     . G B 1 6 ? 0.550   2.529   4.717   1.00 0.00 ? 14 G B C5     1 
ATOM 442 C C6     . G B 1 6 ? 0.710   1.103   4.706   1.00 0.00 ? 14 G B C6     1 
ATOM 443 O O6     . G B 1 6 ? 1.576   0.443   4.139   1.00 0.00 ? 14 G B O6     1 
ATOM 444 N N1     . G B 1 6 ? -0.267  0.456   5.471   1.00 0.00 ? 14 G B N1     1 
ATOM 445 C C2     . G B 1 6 ? -1.296  1.103   6.145   1.00 0.00 ? 14 G B C2     1 
ATOM 446 N N2     . G B 1 6 ? -2.142  0.329   6.835   1.00 0.00 ? 14 G B N2     1 
ATOM 447 N N3     . G B 1 6 ? -1.467  2.444   6.128   1.00 0.00 ? 14 G B N3     1 
ATOM 448 C C4     . G B 1 6 ? -0.510  3.097   5.400   1.00 0.00 ? 14 G B C4     1 
ATOM 449 H "H5'"  . G B 1 6 ? 0.007   9.087   4.119   1.00 0.00 ? 14 G B "H5'"  1 
ATOM 450 H "H5''" . G B 1 6 ? 0.781   9.442   5.733   1.00 0.00 ? 14 G B "H5''" 1 
ATOM 451 H "H4'"  . G B 1 6 ? -1.422  8.283   6.138   1.00 0.00 ? 14 G B "H4'"  1 
ATOM 452 H "H3'"  . G B 1 6 ? 1.069   6.522   6.572   1.00 0.00 ? 14 G B "H3'"  1 
ATOM 453 H "H2'"  . G B 1 6 ? -0.611  5.069   7.669   1.00 0.00 ? 14 G B "H2'"  1 
ATOM 454 H "HO2'" . G B 1 6 ? -2.487  7.250   7.034   1.00 0.00 ? 14 G B "HO2'" 1 
ATOM 455 H "H1'"  . G B 1 6 ? -2.392  5.277   5.561   1.00 0.00 ? 14 G B "H1'"  1 
ATOM 456 H H8     . G B 1 6 ? 1.076   5.600   4.157   1.00 0.00 ? 14 G B H8     1 
ATOM 457 H H1     . G B 1 6 ? -0.220  -0.570  5.539   1.00 0.00 ? 14 G B H1     1 
ATOM 458 H H21    . G B 1 6 ? -2.012  -0.693  6.847   1.00 0.00 ? 14 G B H21    1 
ATOM 459 H H22    . G B 1 6 ? -2.924  0.755   7.354   1.00 0.00 ? 14 G B H22    1 
ATOM 460 P P      . C B 1 7 ? 1.261   7.329   9.256   1.00 0.00 ? 15 C B P      1 
ATOM 461 O OP1    . C B 1 7 ? 1.173   8.375   10.300  1.00 0.00 ? 15 C B OP1    1 
ATOM 462 O OP2    . C B 1 7 ? 2.584   6.973   8.699   1.00 0.00 ? 15 C B OP2    1 
ATOM 463 O "O5'"  . C B 1 7 ? 0.613   5.990   9.844   1.00 0.00 ? 15 C B "O5'"  1 
ATOM 464 C "C5'"  . C B 1 7 ? -0.575  5.937   10.594  1.00 0.00 ? 15 C B "C5'"  1 
ATOM 465 C "C4'"  . C B 1 7 ? -0.804  4.469   10.953  1.00 0.00 ? 15 C B "C4'"  1 
ATOM 466 O "O4'"  . C B 1 7 ? -1.233  3.571   9.901   1.00 0.00 ? 15 C B "O4'"  1 
ATOM 467 C "C3'"  . C B 1 7 ? 0.372   3.780   11.657  1.00 0.00 ? 15 C B "C3'"  1 
ATOM 468 O "O3'"  . C B 1 7 ? 0.594   4.193   13.007  1.00 0.00 ? 15 C B "O3'"  1 
ATOM 469 C "C2'"  . C B 1 7 ? -0.192  2.384   11.630  1.00 0.00 ? 15 C B "C2'"  1 
ATOM 470 O "O2'"  . C B 1 7 ? -1.305  2.388   12.525  1.00 0.00 ? 15 C B "O2'"  1 
ATOM 471 C "C1'"  . C B 1 7 ? -0.670  2.263   10.193  1.00 0.00 ? 15 C B "C1'"  1 
ATOM 472 N N1     . C B 1 7 ? 0.425   2.003   9.190   1.00 0.00 ? 15 C B N1     1 
ATOM 473 C C2     . C B 1 7 ? 0.783   0.670   8.891   1.00 0.00 ? 15 C B C2     1 
ATOM 474 O O2     . C B 1 7 ? 0.250   -0.270  9.472   1.00 0.00 ? 15 C B O2     1 
ATOM 475 N N3     . C B 1 7 ? 1.748   0.452   7.936   1.00 0.00 ? 15 C B N3     1 
ATOM 476 C C4     . C B 1 7 ? 2.335   1.484   7.291   1.00 0.00 ? 15 C B C4     1 
ATOM 477 N N4     . C B 1 7 ? 3.278   1.223   6.374   1.00 0.00 ? 15 C B N4     1 
ATOM 478 C C5     . C B 1 7 ? 1.953   2.847   7.575   1.00 0.00 ? 15 C B C5     1 
ATOM 479 C C6     . C B 1 7 ? 1.013   3.042   8.515   1.00 0.00 ? 15 C B C6     1 
ATOM 480 H "H5'"  . C B 1 7 ? -1.366  6.331   9.956   1.00 0.00 ? 15 C B "H5'"  1 
ATOM 481 H "H5''" . C B 1 7 ? -0.416  6.555   11.478  1.00 0.00 ? 15 C B "H5''" 1 
ATOM 482 H "H4'"  . C B 1 7 ? -1.581  4.438   11.718  1.00 0.00 ? 15 C B "H4'"  1 
ATOM 483 H "H3'"  . C B 1 7 ? 1.311   3.895   11.114  1.00 0.00 ? 15 C B "H3'"  1 
ATOM 484 H "H2'"  . C B 1 7 ? 0.560   1.629   11.863  1.00 0.00 ? 15 C B "H2'"  1 
ATOM 485 H "HO2'" . C B 1 7 ? -1.929  3.174   12.294  1.00 0.00 ? 15 C B "HO2'" 1 
ATOM 486 H "H1'"  . C B 1 7 ? -1.424  1.482   10.085  1.00 0.00 ? 15 C B "H1'"  1 
ATOM 487 H H41    . C B 1 7 ? 3.544   0.250   6.171   1.00 0.00 ? 15 C B H41    1 
ATOM 488 H H42    . C B 1 7 ? 3.736   1.998   5.873   1.00 0.00 ? 15 C B H42    1 
ATOM 489 H H5     . C B 1 7 ? 2.410   3.685   7.048   1.00 0.00 ? 15 C B H5     1 
ATOM 490 H H6     . C B 1 7 ? 0.707   4.061   8.749   1.00 0.00 ? 15 C B H6     1 
ATOM 491 P P      . C B 1 8 ? 1.897   3.717   13.842  1.00 0.00 ? 16 C B P      1 
ATOM 492 O OP1    . C B 1 8 ? 1.747   4.170   15.244  1.00 0.00 ? 16 C B OP1    1 
ATOM 493 O OP2    . C B 1 8 ? 3.082   4.144   13.066  1.00 0.00 ? 16 C B OP2    1 
ATOM 494 O "O5'"  . C B 1 8 ? 1.859   2.100   13.830  1.00 0.00 ? 16 C B "O5'"  1 
ATOM 495 C "C5'"  . C B 1 8 ? 0.972   1.293   14.609  1.00 0.00 ? 16 C B "C5'"  1 
ATOM 496 C "C4'"  . C B 1 8 ? 1.272   -0.186  14.243  1.00 0.00 ? 16 C B "C4'"  1 
ATOM 497 O "O4'"  . C B 1 8 ? 1.047   -0.476  12.871  1.00 0.00 ? 16 C B "O4'"  1 
ATOM 498 C "C3'"  . C B 1 8 ? 2.735   -0.453  14.418  1.00 0.00 ? 16 C B "C3'"  1 
ATOM 499 O "O3'"  . C B 1 8 ? 3.026   -0.634  15.776  1.00 0.00 ? 16 C B "O3'"  1 
ATOM 500 C "C2'"  . C B 1 8 ? 3.020   -1.663  13.581  1.00 0.00 ? 16 C B "C2'"  1 
ATOM 501 O "O2'"  . C B 1 8 ? 2.904   -2.857  14.298  1.00 0.00 ? 16 C B "O2'"  1 
ATOM 502 C "C1'"  . C B 1 8 ? 1.978   -1.504  12.459  1.00 0.00 ? 16 C B "C1'"  1 
ATOM 503 N N1     . C B 1 8 ? 2.799   -1.058  11.292  1.00 0.00 ? 16 C B N1     1 
ATOM 504 C C2     . C B 1 8 ? 3.507   -2.033  10.560  1.00 0.00 ? 16 C B C2     1 
ATOM 505 O O2     . C B 1 8 ? 3.386   -3.232  10.812  1.00 0.00 ? 16 C B O2     1 
ATOM 506 N N3     . C B 1 8 ? 4.356   -1.608  9.574   1.00 0.00 ? 16 C B N3     1 
ATOM 507 C C4     . C B 1 8 ? 4.522   -0.298  9.309   1.00 0.00 ? 16 C B C4     1 
ATOM 508 N N4     . C B 1 8 ? 5.361   0.069   8.334   1.00 0.00 ? 16 C B N4     1 
ATOM 509 C C5     . C B 1 8 ? 3.810   0.712   10.052  1.00 0.00 ? 16 C B C5     1 
ATOM 510 C C6     . C B 1 8 ? 2.965   0.282   11.021  1.00 0.00 ? 16 C B C6     1 
ATOM 511 H "H5'"  . C B 1 8 ? -0.042  1.584   14.333  1.00 0.00 ? 16 C B "H5'"  1 
ATOM 512 H "H5''" . C B 1 8 ? 1.187   1.507   15.656  1.00 0.00 ? 16 C B "H5''" 1 
ATOM 513 H "H4'"  . C B 1 8 ? 0.658   -0.895  14.799  1.00 0.00 ? 16 C B "H4'"  1 
ATOM 514 H "H3'"  . C B 1 8 ? 3.237   0.446   14.061  1.00 0.00 ? 16 C B "H3'"  1 
ATOM 515 H "HO3'" . C B 1 8 ? 2.524   0.071   16.333  1.00 0.00 ? 16 C B "HO3'" 1 
ATOM 516 H "H2'"  . C B 1 8 ? 4.035   -1.669  13.186  1.00 0.00 ? 16 C B "H2'"  1 
ATOM 517 H "HO2'" . C B 1 8 ? 2.353   -2.693  15.153  1.00 0.00 ? 16 C B "HO2'" 1 
ATOM 518 H "H1'"  . C B 1 8 ? 1.409   -2.422  12.313  1.00 0.00 ? 16 C B "H1'"  1 
ATOM 519 H H41    . C B 1 8 ? 5.870   -0.647  7.796   1.00 0.00 ? 16 C B H41    1 
ATOM 520 H H42    . C B 1 8 ? 5.497   1.067   8.120   1.00 0.00 ? 16 C B H42    1 
ATOM 521 H H5     . C B 1 8 ? 3.946   1.773   9.845   1.00 0.00 ? 16 C B H5     1 
ATOM 522 H H6     . C B 1 8 ? 2.403   1.015   11.600  1.00 0.00 ? 16 C B H6     1 
# 
